data_2WAN
#
_entry.id   2WAN
#
_cell.length_a   163.431
_cell.length_b   61.983
_cell.length_c   109.668
_cell.angle_alpha   90.00
_cell.angle_beta   109.10
_cell.angle_gamma   90.00
#
_symmetry.space_group_name_H-M   'C 1 2 1'
#
loop_
_entity.id
_entity.type
_entity.pdbx_description
1 polymer PULLULANASE
2 non-polymer GLYCEROL
3 non-polymer 'SULFATE ION'
4 non-polymer 'ACETATE ION'
5 water water
#
_entity_poly.entity_id   1
_entity_poly.type   'polypeptide(L)'
_entity_poly.pdbx_seq_one_letter_code
;DSTSTKVIVHYHRFDSNYTNWDVWMWPYQPVNGNGAAYQFTGTNDDFGAVADTQVPGDNTQVGLIVRKNDWSEKNTPNDL
HIDLAKGHEVWIVQGDPTIYYNLSDAQAAAIPSVSNAYLDDEKTVLAKLSMPMTLADAASGFTVIDKTTGEKIPVTSAVS
ANPVTAVLVGDLQQALGAANNWSPDDDHTLLKKINPNLYQLSGTLPAGTYQYKIALDHSWNTSYPGNNVSLTVPEGGEKV
TFTYIPSTNQVFDSVNHPNQAFPTSSAGVQTNLVQLTLASAPDVTHNLDVAADGYKAHNILPRNVLNLPRYDYSGNDLGN
VYSKDATSFRVWAPTASNVQLLLYNSEKGSITKQLEMQKSDNGTWKLQVSGNLENWYYLYQVTVNGTTQTAVDPYARAIS
VNATRGMIVDLKATDPAGWQGDHEQTPANPVDEVIYEAHVRDFSIDANSGMKNKGKYLAFTEHGTKGPDHVKTGIDSLKE
LGITTVQLQPVEEFNSIDETQPDTYNWGYDPRNYNVPEGAYATTPEGTARITELKQLIQSLHQQRIGVNMDVVYNHTFDV
MVSDFDKIVPQYYYRTDSNGNYTNGSG(CSX)GNEFATEHPMAQKFVLDSVNYWVNEYHVDGFRFDLMALLGKDTMAKIS
NELHAINPGIVLYGEPWTGGTSGLSSDQLVTKGQQKGLGIGVFNDNIRNGLDGNVFDKTAQGFATGDPNQVDVIKNGVIG
SIQDFTSAPSETINYVTSHDNMTLWDKILASNPSDTEADRIKMDELAHAVVFTSQGVPFMQGGEEMLRTKGGNDNSYNAG
DSVNQFDWSRKAQFKDVFDYFSSMIHLRNQHPAFRMTTADQIKQNLTFLESPTNTVAFELKNYANHDTWKNIIVMYNPNK
TSQTLNLPSGDWTIVGLGDQIGEKSLGHVMGNVQVPAISTLILKQ
;
_entity_poly.pdbx_strand_id   A
#
loop_
_chem_comp.id
_chem_comp.type
_chem_comp.name
_chem_comp.formula
ACT non-polymer 'ACETATE ION' 'C2 H3 O2 -1'
GOL non-polymer GLYCEROL 'C3 H8 O3'
SO4 non-polymer 'SULFATE ION' 'O4 S -2'
#
# COMPACT_ATOMS: atom_id res chain seq x y z
N PRO A 112 23.00 21.22 -26.93
CA PRO A 112 22.91 21.87 -25.61
C PRO A 112 21.49 22.37 -25.33
N SER A 113 20.83 21.81 -24.31
CA SER A 113 19.41 22.10 -24.08
C SER A 113 18.94 22.19 -22.64
N VAL A 114 17.83 22.91 -22.42
CA VAL A 114 16.99 22.71 -21.25
C VAL A 114 16.27 21.39 -21.52
N SER A 115 16.55 20.35 -20.73
CA SER A 115 16.03 19.01 -21.04
C SER A 115 14.64 18.71 -20.43
N ASN A 116 14.26 19.50 -19.44
CA ASN A 116 12.95 19.40 -18.77
C ASN A 116 12.65 20.67 -17.99
N ALA A 117 11.36 21.02 -17.87
CA ALA A 117 10.95 22.14 -17.05
C ALA A 117 9.55 21.96 -16.47
N TYR A 118 9.42 22.25 -15.18
CA TYR A 118 8.15 22.12 -14.46
C TYR A 118 7.75 23.42 -13.82
N LEU A 119 6.47 23.76 -13.90
CA LEU A 119 5.92 24.86 -13.15
C LEU A 119 5.43 24.28 -11.82
N ASP A 120 6.24 24.48 -10.78
CA ASP A 120 6.00 23.84 -9.48
C ASP A 120 5.36 24.73 -8.44
N ASP A 121 5.19 26.01 -8.77
CA ASP A 121 4.42 26.95 -7.94
C ASP A 121 3.89 28.01 -8.90
N GLU A 122 3.05 28.92 -8.41
CA GLU A 122 2.48 29.95 -9.27
C GLU A 122 3.54 30.75 -10.04
N LYS A 123 4.67 31.04 -9.38
CA LYS A 123 5.75 31.81 -10.01
C LYS A 123 7.12 31.11 -9.92
N THR A 124 7.13 29.77 -9.91
CA THR A 124 8.37 29.01 -9.76
C THR A 124 8.50 27.92 -10.83
N VAL A 125 9.62 27.94 -11.54
CA VAL A 125 9.94 26.94 -12.54
C VAL A 125 11.19 26.17 -12.11
N LEU A 126 11.11 24.84 -12.22
CA LEU A 126 12.25 23.96 -11.95
C LEU A 126 12.76 23.42 -13.27
N ALA A 127 13.96 23.83 -13.66
CA ALA A 127 14.51 23.49 -14.98
C ALA A 127 15.80 22.70 -14.93
N LYS A 128 15.85 21.63 -15.73
CA LYS A 128 17.03 20.78 -15.84
C LYS A 128 17.80 21.07 -17.12
N LEU A 129 19.12 21.20 -17.00
CA LEU A 129 19.98 21.49 -18.15
C LEU A 129 20.83 20.27 -18.53
N SER A 130 21.07 20.11 -19.83
CA SER A 130 21.86 18.98 -20.33
C SER A 130 23.36 19.06 -19.96
N MET A 131 23.79 20.23 -19.51
CA MET A 131 25.13 20.42 -18.96
C MET A 131 25.13 21.59 -17.96
N PRO A 132 26.05 21.58 -16.97
CA PRO A 132 25.96 22.57 -15.91
C PRO A 132 26.32 23.97 -16.39
N MET A 133 25.87 24.97 -15.64
CA MET A 133 26.22 26.37 -15.89
CA MET A 133 26.26 26.35 -15.90
C MET A 133 26.67 27.03 -14.59
N THR A 134 27.42 28.12 -14.70
CA THR A 134 27.73 28.95 -13.56
C THR A 134 26.73 30.10 -13.57
N LEU A 135 26.00 30.26 -12.48
CA LEU A 135 24.97 31.29 -12.38
C LEU A 135 25.56 32.69 -12.24
N ALA A 136 24.86 33.66 -12.83
CA ALA A 136 25.20 35.08 -12.73
C ALA A 136 24.14 35.78 -11.88
N ASP A 137 24.07 37.11 -12.01
CA ASP A 137 23.08 37.93 -11.30
C ASP A 137 21.66 37.69 -11.81
N ALA A 138 20.68 38.00 -10.95
CA ALA A 138 19.25 38.03 -11.30
C ALA A 138 18.78 36.85 -12.17
N ALA A 139 18.40 37.16 -13.41
CA ALA A 139 17.86 36.16 -14.34
C ALA A 139 18.88 35.13 -14.82
N SER A 140 20.17 35.50 -14.74
CA SER A 140 21.26 34.63 -15.17
C SER A 140 21.05 34.08 -16.58
N GLY A 141 20.56 34.94 -17.47
CA GLY A 141 20.37 34.61 -18.88
C GLY A 141 19.11 33.81 -19.22
N PHE A 142 18.27 33.58 -18.21
CA PHE A 142 17.05 32.79 -18.41
C PHE A 142 15.88 33.65 -18.89
N THR A 143 15.11 33.12 -19.84
CA THR A 143 13.89 33.75 -20.33
C THR A 143 12.70 32.79 -20.31
N VAL A 144 11.51 33.35 -20.09
CA VAL A 144 10.26 32.60 -20.16
C VAL A 144 9.27 33.37 -21.04
N ILE A 145 8.65 32.66 -21.99
CA ILE A 145 7.62 33.24 -22.85
C ILE A 145 6.34 32.41 -22.84
N ASP A 146 5.20 33.07 -22.79
CA ASP A 146 3.92 32.43 -23.05
C ASP A 146 3.69 32.45 -24.57
N LYS A 147 3.93 31.31 -25.23
CA LYS A 147 3.84 31.21 -26.69
C LYS A 147 2.41 31.33 -27.24
N THR A 148 1.42 31.20 -26.36
CA THR A 148 0.01 31.36 -26.74
C THR A 148 -0.33 32.82 -27.03
N THR A 149 0.11 33.72 -26.13
CA THR A 149 -0.18 35.15 -26.23
C THR A 149 1.00 35.98 -26.74
N GLY A 150 2.17 35.35 -26.83
CA GLY A 150 3.40 36.05 -27.21
C GLY A 150 4.07 36.81 -26.07
N GLU A 151 3.41 36.86 -24.92
CA GLU A 151 3.87 37.63 -23.75
C GLU A 151 5.13 37.05 -23.12
N LYS A 152 6.13 37.92 -22.94
CA LYS A 152 7.34 37.57 -22.20
C LYS A 152 7.10 37.76 -20.71
N ILE A 153 7.57 36.80 -19.92
CA ILE A 153 7.49 36.90 -18.46
C ILE A 153 8.92 36.98 -17.92
N PRO A 154 9.25 38.09 -17.24
CA PRO A 154 10.62 38.23 -16.73
C PRO A 154 10.97 37.22 -15.64
N VAL A 155 12.15 36.61 -15.76
CA VAL A 155 12.74 35.80 -14.70
C VAL A 155 13.44 36.75 -13.73
N THR A 156 12.99 36.75 -12.48
CA THR A 156 13.49 37.69 -11.47
C THR A 156 14.63 37.14 -10.60
N SER A 157 14.82 35.83 -10.64
CA SER A 157 15.79 35.15 -9.79
C SER A 157 16.08 33.75 -10.33
N ALA A 158 17.33 33.34 -10.25
CA ALA A 158 17.74 32.01 -10.68
C ALA A 158 18.74 31.43 -9.66
N VAL A 159 18.29 30.40 -8.94
CA VAL A 159 19.14 29.73 -7.93
C VAL A 159 19.28 28.25 -8.26
N SER A 160 20.27 27.60 -7.67
CA SER A 160 20.39 26.15 -7.81
C SER A 160 19.32 25.45 -6.97
N ALA A 161 18.74 24.39 -7.52
CA ALA A 161 17.69 23.64 -6.83
C ALA A 161 18.29 22.47 -6.03
N ASN A 162 19.57 22.18 -6.26
CA ASN A 162 20.27 21.13 -5.53
C ASN A 162 20.26 21.41 -4.04
N PRO A 163 19.89 20.40 -3.23
CA PRO A 163 19.93 20.58 -1.78
C PRO A 163 21.37 20.65 -1.30
N VAL A 164 21.60 21.33 -0.18
CA VAL A 164 22.92 21.32 0.45
C VAL A 164 22.80 20.82 1.89
N THR A 165 23.58 19.78 2.18
CA THR A 165 23.65 19.19 3.50
C THR A 165 25.02 19.56 4.05
N ALA A 166 25.03 20.55 4.93
CA ALA A 166 26.26 21.09 5.52
C ALA A 166 26.17 21.01 7.03
N VAL A 167 27.04 20.19 7.61
CA VAL A 167 27.03 19.93 9.03
C VAL A 167 28.29 20.48 9.68
N LEU A 168 28.11 21.26 10.75
CA LEU A 168 29.21 21.75 11.55
C LEU A 168 29.83 20.60 12.34
N VAL A 169 31.10 20.33 12.07
CA VAL A 169 31.81 19.23 12.72
C VAL A 169 33.02 19.72 13.49
N GLY A 170 33.34 19.02 14.58
CA GLY A 170 34.51 19.35 15.38
C GLY A 170 34.36 18.90 16.81
N ASP A 171 35.19 19.45 17.70
CA ASP A 171 35.13 19.11 19.12
C ASP A 171 34.16 20.01 19.90
N LEU A 172 33.38 20.80 19.16
CA LEU A 172 32.35 21.65 19.71
C LEU A 172 30.96 21.03 19.55
N GLN A 173 30.90 19.82 18.99
CA GLN A 173 29.63 19.21 18.62
C GLN A 173 28.77 18.75 19.80
N GLN A 174 29.42 18.18 20.81
CA GLN A 174 28.75 17.77 22.03
C GLN A 174 28.19 18.97 22.77
N ALA A 175 29.02 20.02 22.88
CA ALA A 175 28.63 21.30 23.48
C ALA A 175 27.45 21.98 22.75
N LEU A 176 27.16 21.51 21.55
CA LEU A 176 26.01 22.00 20.78
C LEU A 176 24.91 20.94 20.70
N GLY A 177 25.00 19.93 21.56
CA GLY A 177 23.93 18.96 21.73
C GLY A 177 24.08 17.63 21.03
N ALA A 178 25.11 17.48 20.19
CA ALA A 178 25.35 16.24 19.48
C ALA A 178 25.86 15.15 20.42
N ALA A 179 25.54 13.90 20.09
CA ALA A 179 26.01 12.75 20.87
C ALA A 179 27.53 12.69 20.92
N ASN A 180 28.16 12.83 19.75
CA ASN A 180 29.61 12.69 19.61
C ASN A 180 30.26 13.82 18.82
N ASN A 181 31.53 14.08 19.13
CA ASN A 181 32.35 15.03 18.36
C ASN A 181 32.81 14.43 17.03
N TRP A 182 33.23 15.31 16.12
CA TRP A 182 33.73 14.91 14.78
C TRP A 182 32.82 13.90 14.07
N SER A 183 31.54 14.26 13.97
CA SER A 183 30.56 13.34 13.39
C SER A 183 29.74 14.02 12.28
N PRO A 184 30.10 13.77 11.00
CA PRO A 184 29.49 14.45 9.85
C PRO A 184 28.02 14.08 9.59
N ASP A 185 27.58 12.95 10.12
CA ASP A 185 26.21 12.48 9.87
C ASP A 185 25.21 12.82 11.00
N ASP A 186 25.65 13.59 11.98
CA ASP A 186 24.78 14.04 13.06
C ASP A 186 24.11 15.38 12.68
N ASP A 187 22.83 15.32 12.32
CA ASP A 187 22.09 16.51 11.86
C ASP A 187 21.68 17.45 13.00
N HIS A 188 22.14 17.16 14.21
CA HIS A 188 21.97 18.05 15.33
C HIS A 188 22.61 19.40 15.03
N THR A 189 23.76 19.39 14.34
CA THR A 189 24.46 20.62 13.94
C THR A 189 24.39 20.84 12.42
N LEU A 190 23.29 20.39 11.80
CA LEU A 190 23.03 20.68 10.39
C LEU A 190 22.71 22.16 10.23
N LEU A 191 23.38 22.80 9.27
CA LEU A 191 23.16 24.22 9.00
C LEU A 191 21.82 24.46 8.29
N LYS A 192 21.17 25.56 8.65
CA LYS A 192 19.85 25.88 8.12
C LYS A 192 19.96 26.90 6.97
N LYS A 193 19.09 26.73 5.98
CA LYS A 193 19.02 27.61 4.82
C LYS A 193 18.50 28.99 5.22
N ILE A 194 19.34 30.02 5.06
CA ILE A 194 18.90 31.40 5.29
C ILE A 194 18.40 31.96 3.95
N ASN A 195 19.24 31.88 2.93
CA ASN A 195 18.81 32.03 1.55
C ASN A 195 19.49 30.93 0.72
N PRO A 196 19.18 30.84 -0.59
CA PRO A 196 19.76 29.75 -1.39
C PRO A 196 21.30 29.71 -1.42
N ASN A 197 21.95 30.83 -1.06
CA ASN A 197 23.41 30.88 -1.01
C ASN A 197 23.97 31.28 0.36
N LEU A 198 23.21 30.97 1.41
CA LEU A 198 23.64 31.28 2.77
C LEU A 198 23.07 30.27 3.79
N TYR A 199 23.96 29.47 4.36
CA TYR A 199 23.58 28.48 5.35
C TYR A 199 24.24 28.78 6.68
N GLN A 200 23.46 28.78 7.75
CA GLN A 200 23.95 29.17 9.06
C GLN A 200 23.43 28.28 10.18
N LEU A 201 24.21 28.24 11.27
CA LEU A 201 23.80 27.64 12.52
C LEU A 201 24.31 28.52 13.65
N SER A 202 23.42 28.82 14.59
CA SER A 202 23.80 29.50 15.82
C SER A 202 23.65 28.54 16.99
N GLY A 203 24.47 28.77 18.02
CA GLY A 203 24.39 27.98 19.25
C GLY A 203 25.26 28.63 20.30
N THR A 204 24.98 28.33 21.56
CA THR A 204 25.76 28.88 22.67
C THR A 204 26.84 27.90 23.10
N LEU A 205 28.07 28.40 23.16
CA LEU A 205 29.24 27.61 23.53
C LEU A 205 29.83 28.08 24.85
N PRO A 206 30.18 27.15 25.75
CA PRO A 206 30.93 27.53 26.95
C PRO A 206 32.34 28.02 26.60
N ALA A 207 32.94 28.78 27.50
CA ALA A 207 34.31 29.28 27.32
C ALA A 207 35.28 28.15 26.95
N GLY A 208 36.28 28.49 26.13
CA GLY A 208 37.34 27.53 25.79
C GLY A 208 37.79 27.57 24.35
N THR A 209 38.74 26.70 24.01
CA THR A 209 39.29 26.59 22.66
C THR A 209 38.67 25.40 21.94
N TYR A 210 38.27 25.61 20.68
CA TYR A 210 37.59 24.59 19.88
C TYR A 210 38.19 24.47 18.50
N GLN A 211 37.85 23.39 17.79
CA GLN A 211 38.17 23.26 16.38
C GLN A 211 36.95 22.83 15.60
N TYR A 212 36.80 23.35 14.38
CA TYR A 212 35.69 22.93 13.54
C TYR A 212 35.96 22.99 12.04
N LYS A 213 35.08 22.30 11.30
CA LYS A 213 34.97 22.36 9.86
C LYS A 213 33.49 22.28 9.49
N ILE A 214 33.21 22.35 8.20
CA ILE A 214 31.89 22.05 7.66
C ILE A 214 32.03 20.83 6.76
N ALA A 215 31.34 19.75 7.12
CA ALA A 215 31.35 18.52 6.32
C ALA A 215 30.08 18.42 5.51
N LEU A 216 30.21 18.00 4.26
CA LEU A 216 29.08 17.89 3.34
C LEU A 216 28.56 16.46 3.22
N ASP A 217 27.25 16.35 2.99
CA ASP A 217 26.63 15.08 2.57
C ASP A 217 26.85 13.90 3.53
N HIS A 218 26.98 14.20 4.82
CA HIS A 218 27.12 13.18 5.87
C HIS A 218 28.39 12.32 5.80
N SER A 219 29.43 12.82 5.12
CA SER A 219 30.71 12.12 5.11
C SER A 219 31.91 13.07 5.19
N TRP A 220 33.11 12.48 5.22
CA TRP A 220 34.35 13.24 5.23
C TRP A 220 34.92 13.36 3.81
N ASN A 221 34.16 12.90 2.82
CA ASN A 221 34.58 13.00 1.42
C ASN A 221 34.95 14.44 1.08
N THR A 222 34.06 15.35 1.47
CA THR A 222 34.26 16.78 1.24
C THR A 222 33.96 17.57 2.51
N SER A 223 34.99 18.24 3.02
CA SER A 223 34.81 19.19 4.11
C SER A 223 35.61 20.47 3.83
N TYR A 224 35.13 21.57 4.40
CA TYR A 224 35.71 22.91 4.22
C TYR A 224 35.95 23.57 5.57
N PRO A 225 36.95 24.48 5.64
CA PRO A 225 37.91 24.84 4.58
C PRO A 225 39.02 23.79 4.40
N GLY A 226 40.19 24.21 3.93
CA GLY A 226 41.30 23.27 3.75
C GLY A 226 41.76 22.61 5.04
N ASN A 227 41.73 23.39 6.12
CA ASN A 227 42.23 22.93 7.42
C ASN A 227 41.18 23.09 8.51
N ASN A 228 41.41 22.47 9.66
CA ASN A 228 40.58 22.72 10.84
C ASN A 228 40.65 24.19 11.24
N VAL A 229 39.52 24.74 11.66
CA VAL A 229 39.47 26.15 12.09
C VAL A 229 39.50 26.24 13.61
N SER A 230 40.40 27.07 14.13
CA SER A 230 40.50 27.35 15.57
C SER A 230 39.51 28.42 16.02
N LEU A 231 38.84 28.14 17.13
CA LEU A 231 37.84 29.03 17.71
C LEU A 231 38.01 29.10 19.24
N THR A 232 38.35 30.29 19.75
CA THR A 232 38.40 30.51 21.19
C THR A 232 37.17 31.29 21.65
N VAL A 233 36.46 30.72 22.61
CA VAL A 233 35.27 31.34 23.20
C VAL A 233 35.66 31.99 24.54
N PRO A 234 35.48 33.32 24.66
CA PRO A 234 35.95 34.08 25.83
C PRO A 234 35.26 33.71 27.14
N GLU A 235 35.76 34.29 28.23
CA GLU A 235 35.16 34.20 29.56
C GLU A 235 33.63 34.35 29.51
N GLY A 236 32.92 33.42 30.15
CA GLY A 236 31.47 33.52 30.30
C GLY A 236 30.66 32.86 29.20
N GLY A 237 31.31 32.52 28.09
CA GLY A 237 30.64 31.89 26.96
C GLY A 237 30.11 32.91 25.97
N GLU A 238 29.68 32.43 24.80
CA GLU A 238 29.19 33.28 23.72
C GLU A 238 28.30 32.50 22.76
N LYS A 239 27.24 33.15 22.29
CA LYS A 239 26.44 32.62 21.19
C LYS A 239 27.23 32.87 19.90
N VAL A 240 27.46 31.81 19.14
CA VAL A 240 28.25 31.91 17.92
C VAL A 240 27.43 31.50 16.70
N THR A 241 27.57 32.25 15.63
CA THR A 241 26.97 31.88 14.35
C THR A 241 28.06 31.34 13.44
N PHE A 242 27.78 30.17 12.85
CA PHE A 242 28.63 29.50 11.88
C PHE A 242 27.99 29.59 10.51
N THR A 243 28.79 29.91 9.50
CA THR A 243 28.29 30.21 8.17
C THR A 243 28.97 29.41 7.07
N TYR A 244 28.18 28.91 6.13
CA TYR A 244 28.70 28.25 4.95
C TYR A 244 28.10 28.86 3.70
N ILE A 245 28.97 29.25 2.76
CA ILE A 245 28.53 29.84 1.50
C ILE A 245 28.74 28.87 0.34
N PRO A 246 27.64 28.32 -0.21
CA PRO A 246 27.74 27.33 -1.29
C PRO A 246 28.53 27.80 -2.54
N SER A 247 28.35 29.06 -2.96
CA SER A 247 29.01 29.56 -4.18
C SER A 247 30.55 29.47 -4.13
N THR A 248 31.11 29.73 -2.95
CA THR A 248 32.56 29.82 -2.78
C THR A 248 33.14 28.74 -1.86
N ASN A 249 32.26 27.94 -1.25
CA ASN A 249 32.64 26.96 -0.21
C ASN A 249 33.28 27.62 1.01
N GLN A 250 33.05 28.91 1.18
CA GLN A 250 33.63 29.66 2.29
C GLN A 250 32.95 29.31 3.62
N VAL A 251 33.76 29.30 4.67
CA VAL A 251 33.32 28.97 6.03
C VAL A 251 33.73 30.10 6.96
N PHE A 252 32.77 30.63 7.71
CA PHE A 252 33.00 31.71 8.65
C PHE A 252 32.40 31.36 9.99
N ASP A 253 32.93 31.99 11.04
CA ASP A 253 32.23 32.06 12.33
C ASP A 253 32.21 33.51 12.80
N SER A 254 31.29 33.83 13.70
CA SER A 254 31.06 35.21 14.13
C SER A 254 32.10 35.73 15.12
N VAL A 255 32.96 34.85 15.63
CA VAL A 255 34.05 35.27 16.52
C VAL A 255 35.29 35.65 15.72
N ASN A 256 35.71 34.77 14.81
CA ASN A 256 36.85 35.04 13.93
C ASN A 256 36.55 36.10 12.87
N HIS A 257 35.29 36.20 12.48
CA HIS A 257 34.85 37.20 11.50
C HIS A 257 33.53 37.84 11.95
N PRO A 258 33.61 38.86 12.83
CA PRO A 258 32.46 39.44 13.53
C PRO A 258 31.36 39.99 12.62
N ASN A 259 31.68 40.97 11.78
CA ASN A 259 30.69 41.50 10.85
C ASN A 259 31.13 41.34 9.41
N GLN A 260 31.48 40.11 9.06
CA GLN A 260 31.77 39.71 7.69
C GLN A 260 30.48 39.82 6.86
N ALA A 261 30.60 40.26 5.61
CA ALA A 261 29.45 40.45 4.72
C ALA A 261 29.01 39.16 4.07
N PHE A 262 27.70 38.92 4.02
CA PHE A 262 27.15 37.71 3.40
C PHE A 262 26.27 38.02 2.20
N PRO A 263 26.50 37.32 1.07
CA PRO A 263 25.81 37.62 -0.19
C PRO A 263 24.34 37.20 -0.20
N THR A 264 23.56 37.90 -1.02
CA THR A 264 22.16 37.57 -1.28
C THR A 264 21.99 37.34 -2.79
N SER A 265 23.03 36.78 -3.40
CA SER A 265 23.00 36.37 -4.79
C SER A 265 23.58 34.97 -4.91
N SER A 266 23.07 34.19 -5.87
CA SER A 266 23.59 32.85 -6.15
C SER A 266 24.64 32.83 -7.27
N ALA A 267 25.04 34.01 -7.72
CA ALA A 267 26.13 34.14 -8.68
C ALA A 267 27.35 33.34 -8.21
N GLY A 268 27.93 32.55 -9.12
CA GLY A 268 29.06 31.68 -8.77
C GLY A 268 28.72 30.20 -8.63
N VAL A 269 27.54 29.91 -8.07
CA VAL A 269 27.07 28.52 -7.93
C VAL A 269 27.02 27.81 -9.28
N GLN A 270 27.59 26.60 -9.34
CA GLN A 270 27.54 25.78 -10.55
C GLN A 270 26.46 24.72 -10.38
N THR A 271 25.65 24.54 -11.42
CA THR A 271 24.46 23.67 -11.32
C THR A 271 23.88 23.28 -12.69
N ASN A 272 23.23 22.12 -12.74
CA ASN A 272 22.51 21.68 -13.93
C ASN A 272 21.01 21.61 -13.65
N LEU A 273 20.61 22.18 -12.51
CA LEU A 273 19.22 22.16 -12.04
C LEU A 273 18.90 23.46 -11.33
N VAL A 274 18.04 24.25 -11.97
CA VAL A 274 17.80 25.63 -11.54
C VAL A 274 16.36 25.85 -11.11
N GLN A 275 16.19 26.60 -10.03
CA GLN A 275 14.88 27.08 -9.60
C GLN A 275 14.72 28.55 -9.98
N LEU A 276 13.74 28.82 -10.85
CA LEU A 276 13.48 30.16 -11.38
C LEU A 276 12.26 30.82 -10.74
N THR A 277 12.40 32.07 -10.37
CA THR A 277 11.27 32.86 -9.88
C THR A 277 10.80 33.78 -11.00
N LEU A 278 9.49 33.82 -11.21
CA LEU A 278 8.88 34.62 -12.28
C LEU A 278 8.22 35.87 -11.73
N ALA A 279 8.15 36.92 -12.56
CA ALA A 279 7.53 38.19 -12.15
C ALA A 279 6.01 38.07 -12.03
N SER A 280 5.41 37.25 -12.88
CA SER A 280 3.97 37.00 -12.84
C SER A 280 3.67 35.50 -12.98
N ALA A 281 2.49 35.11 -12.52
CA ALA A 281 2.02 33.71 -12.59
C ALA A 281 1.46 33.35 -13.97
N PRO A 282 2.12 32.41 -14.68
CA PRO A 282 1.63 32.04 -16.02
C PRO A 282 0.29 31.32 -15.97
N ASP A 283 -0.41 31.33 -17.11
CA ASP A 283 -1.67 30.60 -17.28
C ASP A 283 -1.34 29.13 -17.56
N VAL A 284 -1.77 28.24 -16.66
CA VAL A 284 -1.44 26.81 -16.76
C VAL A 284 -2.04 26.09 -17.97
N THR A 285 -2.97 26.76 -18.66
CA THR A 285 -3.55 26.22 -19.91
C THR A 285 -2.78 26.62 -21.17
N HIS A 286 -1.78 27.50 -21.01
CA HIS A 286 -1.08 28.08 -22.15
C HIS A 286 0.18 27.31 -22.53
N ASN A 287 0.74 27.65 -23.69
CA ASN A 287 2.00 27.07 -24.15
C ASN A 287 3.16 27.88 -23.60
N LEU A 288 3.79 27.37 -22.54
CA LEU A 288 4.84 28.11 -21.85
C LEU A 288 6.20 27.48 -22.17
N ASP A 289 7.19 28.34 -22.42
CA ASP A 289 8.53 27.89 -22.79
C ASP A 289 9.59 28.58 -21.95
N VAL A 290 10.68 27.86 -21.69
CA VAL A 290 11.83 28.43 -20.98
C VAL A 290 13.09 28.19 -21.79
N ALA A 291 13.99 29.17 -21.76
CA ALA A 291 15.29 29.06 -22.40
C ALA A 291 16.34 29.78 -21.58
N ALA A 292 17.60 29.49 -21.88
CA ALA A 292 18.74 30.26 -21.38
C ALA A 292 19.78 30.40 -22.51
N ASP A 293 20.67 31.38 -22.38
CA ASP A 293 21.71 31.62 -23.38
C ASP A 293 22.57 30.39 -23.62
N GLY A 294 22.61 29.94 -24.88
CA GLY A 294 23.40 28.76 -25.25
C GLY A 294 22.68 27.43 -25.06
N TYR A 295 21.45 27.49 -24.53
CA TYR A 295 20.61 26.32 -24.29
C TYR A 295 19.33 26.34 -25.13
N LYS A 296 19.07 25.24 -25.82
CA LYS A 296 17.82 25.03 -26.56
C LYS A 296 16.63 25.10 -25.60
N ALA A 297 15.57 25.80 -26.03
CA ALA A 297 14.36 26.01 -25.23
C ALA A 297 13.58 24.71 -24.98
N HIS A 298 12.74 24.72 -23.93
CA HIS A 298 11.88 23.58 -23.60
C HIS A 298 10.53 24.05 -23.08
N ASN A 299 9.49 23.28 -23.37
CA ASN A 299 8.18 23.50 -22.77
C ASN A 299 8.23 23.40 -21.25
N ILE A 300 7.42 24.20 -20.58
CA ILE A 300 7.24 24.16 -19.13
C ILE A 300 5.91 23.46 -18.83
N LEU A 301 5.99 22.26 -18.26
CA LEU A 301 4.78 21.49 -17.96
C LEU A 301 4.33 21.83 -16.57
N PRO A 302 3.04 22.17 -16.39
CA PRO A 302 2.55 22.39 -15.04
C PRO A 302 2.66 21.10 -14.21
N ARG A 303 3.24 21.21 -13.01
CA ARG A 303 3.30 20.06 -12.08
C ARG A 303 2.78 20.53 -10.71
N ASN A 304 3.67 20.93 -9.80
CA ASN A 304 3.24 21.18 -8.44
C ASN A 304 2.46 22.47 -8.26
N VAL A 305 2.45 23.30 -9.31
CA VAL A 305 1.54 24.46 -9.31
C VAL A 305 0.07 24.02 -9.14
N LEU A 306 -0.25 22.82 -9.66
CA LEU A 306 -1.63 22.32 -9.60
C LEU A 306 -2.04 21.88 -8.20
N ASN A 307 -1.08 21.80 -7.27
CA ASN A 307 -1.38 21.56 -5.84
C ASN A 307 -2.16 22.69 -5.19
N LEU A 308 -2.06 23.89 -5.76
CA LEU A 308 -2.61 25.10 -5.13
C LEU A 308 -4.13 25.07 -4.98
N PRO A 309 -4.67 25.67 -3.90
CA PRO A 309 -6.11 25.66 -3.65
C PRO A 309 -6.99 26.09 -4.83
N ARG A 310 -6.48 26.97 -5.70
CA ARG A 310 -7.27 27.44 -6.84
C ARG A 310 -7.61 26.33 -7.85
N TYR A 311 -6.81 25.26 -7.86
CA TYR A 311 -7.03 24.09 -8.73
C TYR A 311 -7.55 22.90 -7.94
N ASP A 312 -8.03 23.14 -6.72
CA ASP A 312 -8.49 22.07 -5.86
CA ASP A 312 -8.49 22.07 -5.83
C ASP A 312 -10.02 21.99 -5.80
N TYR A 313 -10.57 20.98 -6.45
CA TYR A 313 -12.02 20.79 -6.50
C TYR A 313 -12.48 19.79 -5.46
N SER A 314 -13.37 20.23 -4.58
CA SER A 314 -13.78 19.41 -3.45
C SER A 314 -15.20 18.83 -3.57
N GLY A 315 -15.86 19.07 -4.70
CA GLY A 315 -17.22 18.50 -4.90
C GLY A 315 -17.20 16.98 -4.99
N ASN A 316 -18.38 16.37 -4.81
CA ASN A 316 -18.51 14.91 -4.78
C ASN A 316 -19.07 14.34 -6.08
N ASP A 317 -19.05 15.14 -7.15
CA ASP A 317 -19.71 14.82 -8.40
C ASP A 317 -18.78 14.57 -9.60
N LEU A 318 -17.49 14.31 -9.35
CA LEU A 318 -16.64 13.90 -10.49
C LEU A 318 -17.17 12.59 -11.10
N GLY A 319 -17.17 12.54 -12.42
CA GLY A 319 -17.72 11.40 -13.16
C GLY A 319 -19.05 11.74 -13.80
N ASN A 320 -19.93 10.75 -13.94
CA ASN A 320 -21.29 10.99 -14.42
C ASN A 320 -22.31 10.74 -13.32
N VAL A 321 -23.34 11.57 -13.29
CA VAL A 321 -24.40 11.41 -12.29
C VAL A 321 -25.69 11.25 -13.08
N TYR A 322 -26.20 10.03 -13.10
CA TYR A 322 -27.34 9.64 -13.91
C TYR A 322 -28.70 9.87 -13.24
N SER A 323 -29.64 10.43 -14.01
CA SER A 323 -31.06 10.41 -13.65
C SER A 323 -31.89 10.14 -14.90
N LYS A 324 -33.16 9.78 -14.69
CA LYS A 324 -34.02 9.53 -15.83
C LYS A 324 -34.11 10.75 -16.77
N ASP A 325 -34.14 11.96 -16.20
CA ASP A 325 -34.33 13.20 -16.96
C ASP A 325 -33.07 13.83 -17.57
N ALA A 326 -31.90 13.55 -16.99
CA ALA A 326 -30.63 14.16 -17.41
C ALA A 326 -29.43 13.43 -16.78
N THR A 327 -28.29 13.50 -17.46
CA THR A 327 -27.01 13.06 -16.86
C THR A 327 -26.04 14.24 -16.83
N SER A 328 -25.38 14.44 -15.70
CA SER A 328 -24.36 15.49 -15.56
C SER A 328 -22.97 14.86 -15.53
N PHE A 329 -22.02 15.54 -16.17
CA PHE A 329 -20.65 15.06 -16.30
C PHE A 329 -19.73 16.11 -15.72
N ARG A 330 -18.67 15.66 -15.07
CA ARG A 330 -17.65 16.58 -14.55
C ARG A 330 -16.31 15.89 -14.52
N VAL A 331 -15.29 16.59 -15.03
CA VAL A 331 -13.92 16.07 -15.10
C VAL A 331 -12.92 17.17 -14.71
N TRP A 332 -11.87 16.78 -13.98
CA TRP A 332 -10.82 17.71 -13.58
C TRP A 332 -9.72 17.74 -14.63
N ALA A 333 -9.55 18.89 -15.30
CA ALA A 333 -8.54 19.02 -16.36
C ALA A 333 -8.02 20.46 -16.38
N PRO A 334 -7.24 20.82 -15.35
CA PRO A 334 -6.86 22.21 -15.10
C PRO A 334 -5.91 22.82 -16.12
N THR A 335 -5.26 21.99 -16.93
CA THR A 335 -4.35 22.50 -17.96
C THR A 335 -4.93 22.45 -19.37
N ALA A 336 -6.13 21.87 -19.52
CA ALA A 336 -6.73 21.74 -20.84
C ALA A 336 -7.18 23.10 -21.40
N SER A 337 -7.03 23.27 -22.71
CA SER A 337 -7.58 24.44 -23.40
C SER A 337 -9.03 24.19 -23.84
N ASN A 338 -9.36 22.91 -24.04
CA ASN A 338 -10.70 22.51 -24.41
C ASN A 338 -11.01 21.10 -23.94
N VAL A 339 -12.24 20.88 -23.49
CA VAL A 339 -12.74 19.51 -23.23
C VAL A 339 -14.12 19.35 -23.88
N GLN A 340 -14.26 18.30 -24.69
CA GLN A 340 -15.55 17.95 -25.25
C GLN A 340 -16.02 16.59 -24.75
N LEU A 341 -17.33 16.44 -24.66
CA LEU A 341 -17.98 15.16 -24.36
C LEU A 341 -18.35 14.44 -25.67
N LEU A 342 -17.89 13.19 -25.80
CA LEU A 342 -18.25 12.36 -26.95
C LEU A 342 -19.23 11.30 -26.46
N LEU A 343 -20.44 11.34 -27.03
CA LEU A 343 -21.53 10.42 -26.69
C LEU A 343 -21.77 9.43 -27.81
N TYR A 344 -21.93 8.15 -27.44
CA TYR A 344 -22.15 7.06 -28.39
C TYR A 344 -23.40 6.26 -27.97
N ASN A 345 -24.32 6.09 -28.91
CA ASN A 345 -25.52 5.27 -28.66
C ASN A 345 -25.32 3.79 -28.97
N SER A 346 -24.06 3.40 -29.12
CA SER A 346 -23.68 1.99 -29.32
C SER A 346 -22.29 1.75 -28.77
N GLU A 347 -22.00 0.49 -28.51
CA GLU A 347 -20.72 0.10 -27.94
C GLU A 347 -19.52 0.25 -28.90
N LYS A 348 -19.75 0.04 -30.21
CA LYS A 348 -18.65 0.05 -31.19
C LYS A 348 -18.82 1.05 -32.35
N GLY A 349 -20.02 1.61 -32.50
CA GLY A 349 -20.33 2.50 -33.63
C GLY A 349 -19.73 3.88 -33.48
N SER A 350 -19.84 4.68 -34.54
CA SER A 350 -19.25 6.01 -34.55
C SER A 350 -19.97 6.99 -33.59
N ILE A 351 -19.30 8.11 -33.32
CA ILE A 351 -19.82 9.18 -32.45
C ILE A 351 -21.24 9.56 -32.81
N THR A 352 -22.10 9.59 -31.80
CA THR A 352 -23.49 10.03 -32.00
C THR A 352 -23.63 11.54 -31.82
N LYS A 353 -23.03 12.05 -30.74
CA LYS A 353 -23.10 13.47 -30.44
C LYS A 353 -21.79 13.93 -29.80
N GLN A 354 -21.29 15.05 -30.29
CA GLN A 354 -20.12 15.68 -29.72
C GLN A 354 -20.52 17.04 -29.14
N LEU A 355 -20.24 17.24 -27.85
CA LEU A 355 -20.69 18.46 -27.18
C LEU A 355 -19.55 19.19 -26.47
N GLU A 356 -19.53 20.51 -26.58
CA GLU A 356 -18.58 21.30 -25.81
C GLU A 356 -18.94 21.27 -24.31
N MET A 357 -17.97 20.98 -23.47
CA MET A 357 -18.17 21.14 -22.02
C MET A 357 -17.80 22.57 -21.61
N GLN A 358 -18.17 22.93 -20.38
CA GLN A 358 -18.02 24.29 -19.87
C GLN A 358 -16.96 24.33 -18.79
N LYS A 359 -16.01 25.24 -18.92
CA LYS A 359 -15.07 25.53 -17.83
C LYS A 359 -15.82 25.87 -16.55
N SER A 360 -15.48 25.18 -15.47
CA SER A 360 -16.14 25.35 -14.18
C SER A 360 -15.13 25.48 -13.03
N ASP A 361 -15.57 25.22 -11.80
CA ASP A 361 -14.75 25.43 -10.59
C ASP A 361 -13.41 24.68 -10.56
N ASN A 362 -12.34 25.40 -10.23
CA ASN A 362 -11.08 24.77 -9.82
C ASN A 362 -10.52 23.79 -10.84
N GLY A 363 -10.55 24.19 -12.11
CA GLY A 363 -9.94 23.40 -13.17
C GLY A 363 -10.83 22.31 -13.73
N THR A 364 -12.08 22.24 -13.25
CA THR A 364 -13.01 21.25 -13.79
C THR A 364 -13.75 21.74 -15.04
N TRP A 365 -14.26 20.79 -15.81
CA TRP A 365 -15.14 21.04 -16.93
C TRP A 365 -16.42 20.26 -16.66
N LYS A 366 -17.56 20.87 -16.98
CA LYS A 366 -18.84 20.25 -16.65
C LYS A 366 -19.82 20.31 -17.81
N LEU A 367 -20.82 19.45 -17.76
CA LEU A 367 -21.94 19.52 -18.70
C LEU A 367 -23.13 18.73 -18.22
N GLN A 368 -24.31 19.34 -18.31
CA GLN A 368 -25.56 18.61 -18.11
CA GLN A 368 -25.57 18.61 -18.12
C GLN A 368 -26.17 18.31 -19.48
N VAL A 369 -26.51 17.05 -19.69
CA VAL A 369 -27.13 16.59 -20.94
C VAL A 369 -28.53 16.11 -20.64
N SER A 370 -29.53 16.78 -21.24
CA SER A 370 -30.92 16.41 -21.04
CA SER A 370 -30.94 16.43 -21.08
C SER A 370 -31.28 15.12 -21.76
N GLY A 371 -32.18 14.37 -21.15
CA GLY A 371 -32.59 13.10 -21.73
C GLY A 371 -32.12 11.91 -20.91
N ASN A 372 -32.56 10.72 -21.33
CA ASN A 372 -32.26 9.49 -20.61
C ASN A 372 -31.07 8.83 -21.29
N LEU A 373 -29.91 8.90 -20.65
CA LEU A 373 -28.68 8.37 -21.24
CA LEU A 373 -28.69 8.37 -21.25
C LEU A 373 -28.34 6.97 -20.71
N GLU A 374 -29.32 6.28 -20.13
CA GLU A 374 -29.04 4.91 -19.65
C GLU A 374 -28.51 4.01 -20.78
N ASN A 375 -27.41 3.33 -20.49
CA ASN A 375 -26.76 2.39 -21.42
C ASN A 375 -26.05 3.04 -22.59
N TRP A 376 -25.88 4.37 -22.53
CA TRP A 376 -25.07 5.09 -23.51
C TRP A 376 -23.59 5.00 -23.15
N TYR A 377 -22.72 5.22 -24.12
CA TYR A 377 -21.27 5.18 -23.89
C TYR A 377 -20.68 6.56 -24.10
N TYR A 378 -19.54 6.83 -23.46
CA TYR A 378 -18.93 8.15 -23.61
C TYR A 378 -17.43 8.17 -23.41
N LEU A 379 -16.85 9.24 -23.94
CA LEU A 379 -15.43 9.54 -23.75
C LEU A 379 -15.31 11.04 -23.56
N TYR A 380 -14.22 11.45 -22.91
CA TYR A 380 -13.80 12.87 -22.93
C TYR A 380 -12.74 13.09 -24.00
N GLN A 381 -12.89 14.18 -24.75
CA GLN A 381 -11.89 14.59 -25.72
C GLN A 381 -11.18 15.82 -25.17
N VAL A 382 -9.90 15.66 -24.87
CA VAL A 382 -9.17 16.65 -24.08
C VAL A 382 -8.03 17.22 -24.91
N THR A 383 -8.05 18.55 -25.06
CA THR A 383 -6.99 19.27 -25.74
C THR A 383 -6.07 19.90 -24.70
N VAL A 384 -4.81 19.49 -24.68
N VAL A 384 -4.81 19.46 -24.68
CA VAL A 384 -3.83 20.10 -23.79
CA VAL A 384 -3.80 19.93 -23.73
C VAL A 384 -2.67 20.63 -24.61
C VAL A 384 -2.39 19.92 -24.33
N ASN A 385 -2.47 21.94 -24.54
N ASN A 385 -1.44 19.65 -23.45
CA ASN A 385 -1.41 22.59 -25.31
CA ASN A 385 -0.03 19.43 -23.78
C ASN A 385 -1.45 22.14 -26.76
C ASN A 385 0.27 19.37 -25.27
N GLY A 386 -0.40 21.46 -27.20
N GLY A 386 -0.35 20.28 -26.02
CA GLY A 386 -0.32 21.01 -28.58
CA GLY A 386 -0.19 20.33 -27.46
C GLY A 386 -0.75 19.58 -28.87
C GLY A 386 -1.35 19.64 -28.18
N THR A 387 -1.97 19.20 -28.46
N THR A 387 -1.45 18.33 -27.98
CA THR A 387 -2.47 17.87 -28.82
CA THR A 387 -2.34 17.50 -28.79
C THR A 387 -3.85 17.51 -28.24
C THR A 387 -3.72 17.26 -28.16
N THR A 388 -4.60 16.67 -28.96
CA THR A 388 -5.93 16.27 -28.53
C THR A 388 -6.01 14.74 -28.46
N GLN A 389 -6.47 14.23 -27.32
CA GLN A 389 -6.69 12.79 -27.19
C GLN A 389 -8.03 12.52 -26.53
N THR A 390 -8.48 11.27 -26.60
CA THR A 390 -9.71 10.87 -25.90
C THR A 390 -9.34 10.01 -24.69
N ALA A 391 -10.18 10.06 -23.67
CA ALA A 391 -9.94 9.30 -22.45
C ALA A 391 -11.27 8.80 -21.87
N VAL A 392 -11.21 7.62 -21.27
CA VAL A 392 -12.31 7.09 -20.46
C VAL A 392 -12.30 7.86 -19.12
N ASP A 393 -13.47 8.27 -18.66
CA ASP A 393 -13.64 8.90 -17.37
C ASP A 393 -13.01 8.03 -16.26
N PRO A 394 -12.02 8.57 -15.51
CA PRO A 394 -11.46 7.80 -14.38
C PRO A 394 -12.52 7.41 -13.35
N TYR A 395 -13.63 8.16 -13.33
CA TYR A 395 -14.73 7.88 -12.42
C TYR A 395 -15.85 7.00 -13.00
N ALA A 396 -15.69 6.48 -14.23
CA ALA A 396 -16.72 5.63 -14.83
C ALA A 396 -16.99 4.42 -13.93
N ARG A 397 -18.26 4.01 -13.87
CA ARG A 397 -18.69 2.87 -13.07
C ARG A 397 -18.93 1.60 -13.87
N ALA A 398 -18.93 1.74 -15.20
CA ALA A 398 -19.11 0.63 -16.14
C ALA A 398 -18.43 1.04 -17.46
N ILE A 399 -18.20 0.07 -18.33
CA ILE A 399 -17.42 0.27 -19.57
C ILE A 399 -17.94 -0.55 -20.76
N SER A 400 -17.51 -0.18 -21.96
CA SER A 400 -17.63 -1.09 -23.08
C SER A 400 -16.63 -2.22 -22.84
N VAL A 401 -16.77 -3.31 -23.60
CA VAL A 401 -15.79 -4.41 -23.54
C VAL A 401 -14.39 -3.84 -23.76
N ASN A 402 -13.46 -4.20 -22.87
CA ASN A 402 -12.06 -3.70 -22.94
C ASN A 402 -11.87 -2.21 -22.72
N ALA A 403 -12.90 -1.55 -22.20
CA ALA A 403 -12.82 -0.13 -21.80
C ALA A 403 -12.38 0.80 -22.93
N THR A 404 -12.94 0.58 -24.13
CA THR A 404 -12.75 1.53 -25.22
C THR A 404 -13.51 2.83 -24.88
N ARG A 405 -14.56 2.69 -24.07
CA ARG A 405 -15.47 3.78 -23.71
C ARG A 405 -16.03 3.53 -22.33
N GLY A 406 -16.40 4.63 -21.66
CA GLY A 406 -17.15 4.54 -20.39
C GLY A 406 -18.62 4.29 -20.70
N MET A 407 -19.35 3.74 -19.74
CA MET A 407 -20.77 3.45 -19.94
C MET A 407 -21.60 4.08 -18.83
N ILE A 408 -22.65 4.81 -19.20
CA ILE A 408 -23.54 5.45 -18.24
C ILE A 408 -24.62 4.44 -17.85
N VAL A 409 -24.78 4.21 -16.54
CA VAL A 409 -25.73 3.19 -16.07
C VAL A 409 -26.53 3.65 -14.87
N ASP A 410 -27.70 3.04 -14.71
CA ASP A 410 -28.55 3.18 -13.52
C ASP A 410 -28.07 2.16 -12.48
N LEU A 411 -27.31 2.61 -11.49
CA LEU A 411 -26.74 1.70 -10.47
C LEU A 411 -27.82 0.97 -9.67
N LYS A 412 -28.94 1.62 -9.40
CA LYS A 412 -30.05 0.98 -8.68
CA LYS A 412 -30.04 0.98 -8.66
C LYS A 412 -30.52 -0.30 -9.35
N ALA A 413 -30.66 -0.25 -10.68
CA ALA A 413 -31.14 -1.38 -11.46
C ALA A 413 -30.16 -2.55 -11.44
N THR A 414 -28.90 -2.27 -11.09
CA THR A 414 -27.90 -3.36 -10.98
C THR A 414 -27.97 -4.16 -9.68
N ASP A 415 -28.70 -3.66 -8.68
CA ASP A 415 -28.75 -4.34 -7.39
C ASP A 415 -29.45 -5.68 -7.54
N PRO A 416 -28.88 -6.76 -6.98
CA PRO A 416 -29.61 -8.01 -7.02
C PRO A 416 -30.78 -8.00 -6.06
N ALA A 417 -31.72 -8.92 -6.24
CA ALA A 417 -32.86 -9.07 -5.33
C ALA A 417 -32.35 -9.33 -3.92
N GLY A 418 -32.98 -8.70 -2.94
CA GLY A 418 -32.61 -8.91 -1.54
C GLY A 418 -31.49 -8.01 -1.04
N TRP A 419 -30.89 -7.22 -1.92
CA TRP A 419 -29.75 -6.34 -1.60
C TRP A 419 -30.05 -5.37 -0.46
N GLN A 420 -31.31 -4.88 -0.36
CA GLN A 420 -31.66 -4.01 0.77
C GLN A 420 -31.60 -4.69 2.15
N GLY A 421 -31.59 -6.02 2.18
CA GLY A 421 -31.44 -6.76 3.42
C GLY A 421 -30.00 -7.15 3.77
N ASP A 422 -29.04 -6.79 2.91
CA ASP A 422 -27.64 -7.18 3.11
C ASP A 422 -27.09 -6.52 4.38
N HIS A 423 -26.40 -7.29 5.20
CA HIS A 423 -25.76 -6.77 6.43
C HIS A 423 -24.22 -6.89 6.40
N GLU A 424 -23.55 -5.77 6.70
CA GLU A 424 -22.08 -5.70 6.78
C GLU A 424 -21.48 -6.70 7.76
N GLN A 425 -20.27 -7.14 7.43
CA GLN A 425 -19.51 -8.07 8.24
C GLN A 425 -18.20 -7.41 8.69
N THR A 426 -18.34 -6.55 9.68
CA THR A 426 -17.24 -5.75 10.23
C THR A 426 -17.26 -5.97 11.73
N PRO A 427 -16.25 -6.69 12.26
CA PRO A 427 -16.25 -6.97 13.70
C PRO A 427 -15.81 -5.77 14.54
N ALA A 428 -15.81 -5.94 15.87
CA ALA A 428 -15.47 -4.83 16.78
C ALA A 428 -14.03 -4.35 16.61
N ASN A 429 -13.12 -5.26 16.28
CA ASN A 429 -11.71 -4.94 16.18
C ASN A 429 -11.08 -5.82 15.10
N PRO A 430 -10.05 -5.31 14.39
CA PRO A 430 -9.42 -6.17 13.36
C PRO A 430 -8.91 -7.52 13.86
N VAL A 431 -8.51 -7.60 15.13
CA VAL A 431 -8.01 -8.88 15.68
C VAL A 431 -9.07 -9.99 15.73
N ASP A 432 -10.32 -9.62 15.46
CA ASP A 432 -11.44 -10.55 15.41
C ASP A 432 -11.62 -11.18 14.01
N GLU A 433 -10.80 -10.79 13.06
CA GLU A 433 -10.89 -11.38 11.71
C GLU A 433 -9.90 -12.53 11.55
N VAL A 434 -10.29 -13.56 10.79
CA VAL A 434 -9.34 -14.57 10.28
C VAL A 434 -9.48 -14.50 8.76
N ILE A 435 -8.44 -13.95 8.14
CA ILE A 435 -8.50 -13.51 6.75
C ILE A 435 -7.98 -14.62 5.82
N TYR A 436 -8.75 -14.90 4.76
CA TYR A 436 -8.45 -15.98 3.84
C TYR A 436 -8.30 -15.41 2.44
N GLU A 437 -7.06 -15.39 1.93
CA GLU A 437 -6.79 -14.79 0.61
C GLU A 437 -7.19 -15.72 -0.54
N ALA A 438 -7.95 -15.22 -1.50
CA ALA A 438 -8.39 -16.05 -2.63
C ALA A 438 -8.50 -15.23 -3.92
N HIS A 439 -8.07 -15.82 -5.03
CA HIS A 439 -8.26 -15.28 -6.39
C HIS A 439 -9.57 -15.82 -6.96
N VAL A 440 -10.39 -14.96 -7.57
CA VAL A 440 -11.71 -15.41 -8.07
C VAL A 440 -11.62 -16.56 -9.08
N ARG A 441 -10.63 -16.54 -9.98
CA ARG A 441 -10.50 -17.63 -10.92
C ARG A 441 -10.00 -18.91 -10.20
N ASP A 442 -8.94 -18.78 -9.40
CA ASP A 442 -8.36 -19.98 -8.74
C ASP A 442 -9.40 -20.75 -7.94
N PHE A 443 -10.28 -20.01 -7.26
CA PHE A 443 -11.22 -20.61 -6.31
C PHE A 443 -12.05 -21.75 -6.88
N SER A 444 -12.47 -21.61 -8.15
CA SER A 444 -13.47 -22.53 -8.70
C SER A 444 -13.19 -23.08 -10.11
N ILE A 445 -12.08 -22.69 -10.72
CA ILE A 445 -11.83 -23.03 -12.13
C ILE A 445 -11.61 -24.54 -12.38
N ASP A 446 -11.08 -25.26 -11.39
CA ASP A 446 -10.75 -26.69 -11.59
C ASP A 446 -12.00 -27.48 -11.96
N ALA A 447 -11.88 -28.38 -12.92
CA ALA A 447 -12.98 -29.28 -13.27
C ALA A 447 -13.54 -30.05 -12.08
N ASN A 448 -12.71 -30.22 -11.04
CA ASN A 448 -13.12 -30.96 -9.84
C ASN A 448 -13.78 -30.09 -8.73
N SER A 449 -14.04 -28.82 -9.03
CA SER A 449 -14.42 -27.86 -7.97
C SER A 449 -15.87 -28.01 -7.52
N GLY A 450 -16.70 -28.66 -8.33
CA GLY A 450 -18.13 -28.81 -8.03
C GLY A 450 -19.01 -27.59 -8.24
N MET A 451 -18.39 -26.48 -8.60
CA MET A 451 -19.08 -25.23 -8.90
C MET A 451 -19.31 -25.11 -10.40
N LYS A 452 -20.50 -24.62 -10.77
CA LYS A 452 -20.88 -24.49 -12.20
C LYS A 452 -20.25 -23.28 -12.87
N ASN A 453 -20.22 -22.15 -12.17
CA ASN A 453 -19.72 -20.89 -12.74
C ASN A 453 -18.22 -20.81 -12.57
N LYS A 454 -17.52 -21.71 -13.25
CA LYS A 454 -16.10 -21.90 -13.00
C LYS A 454 -15.28 -20.68 -13.39
N GLY A 455 -14.50 -20.20 -12.40
CA GLY A 455 -13.63 -19.04 -12.57
C GLY A 455 -14.33 -17.69 -12.44
N LYS A 456 -15.57 -17.70 -11.94
CA LYS A 456 -16.43 -16.50 -11.95
C LYS A 456 -16.90 -16.05 -10.57
N TYR A 457 -17.25 -14.77 -10.43
CA TYR A 457 -17.83 -14.26 -9.19
C TYR A 457 -18.96 -15.17 -8.71
N LEU A 458 -19.81 -15.61 -9.64
CA LEU A 458 -21.03 -16.34 -9.24
C LEU A 458 -20.75 -17.70 -8.61
N ALA A 459 -19.55 -18.25 -8.80
CA ALA A 459 -19.19 -19.50 -8.10
C ALA A 459 -19.36 -19.36 -6.59
N PHE A 460 -19.12 -18.15 -6.06
CA PHE A 460 -19.26 -17.86 -4.62
C PHE A 460 -20.71 -17.81 -4.12
N THR A 461 -21.68 -17.94 -5.03
CA THR A 461 -23.09 -17.93 -4.63
C THR A 461 -23.66 -19.35 -4.55
N GLU A 462 -22.86 -20.35 -4.94
CA GLU A 462 -23.36 -21.71 -5.09
C GLU A 462 -23.29 -22.53 -3.80
N HIS A 463 -24.44 -22.92 -3.28
CA HIS A 463 -24.54 -23.80 -2.09
C HIS A 463 -24.58 -25.28 -2.44
N GLY A 464 -24.11 -26.10 -1.51
CA GLY A 464 -24.21 -27.56 -1.65
C GLY A 464 -23.21 -28.16 -2.63
N THR A 465 -22.16 -27.42 -2.96
CA THR A 465 -21.20 -27.91 -3.98
C THR A 465 -20.25 -28.92 -3.35
N LYS A 466 -19.93 -29.94 -4.14
CA LYS A 466 -19.13 -31.07 -3.69
C LYS A 466 -17.99 -31.34 -4.62
N GLY A 467 -16.88 -31.82 -4.05
CA GLY A 467 -15.69 -32.14 -4.81
C GLY A 467 -15.41 -33.64 -4.74
N PRO A 468 -14.17 -34.04 -5.05
CA PRO A 468 -13.78 -35.44 -4.97
C PRO A 468 -14.03 -36.05 -3.59
N ASP A 469 -14.55 -37.28 -3.57
CA ASP A 469 -14.87 -38.00 -2.33
CA ASP A 469 -14.75 -37.96 -2.30
C ASP A 469 -15.81 -37.25 -1.42
N HIS A 470 -16.72 -36.50 -2.06
CA HIS A 470 -17.84 -35.81 -1.37
CA HIS A 470 -17.83 -35.80 -1.40
C HIS A 470 -17.41 -34.67 -0.44
N VAL A 471 -16.18 -34.16 -0.59
CA VAL A 471 -15.78 -33.00 0.21
C VAL A 471 -16.64 -31.79 -0.15
N LYS A 472 -16.93 -30.95 0.84
CA LYS A 472 -17.58 -29.68 0.57
C LYS A 472 -16.59 -28.76 -0.11
N THR A 473 -17.06 -28.05 -1.15
CA THR A 473 -16.22 -27.08 -1.83
C THR A 473 -16.90 -25.72 -1.77
N GLY A 474 -16.23 -24.70 -2.31
CA GLY A 474 -16.90 -23.41 -2.44
C GLY A 474 -17.21 -22.77 -1.09
N ILE A 475 -18.28 -21.99 -1.05
CA ILE A 475 -18.68 -21.31 0.18
CA ILE A 475 -18.63 -21.31 0.20
C ILE A 475 -18.94 -22.27 1.35
N ASP A 476 -19.46 -23.48 1.04
CA ASP A 476 -19.68 -24.47 2.10
C ASP A 476 -18.35 -24.90 2.74
N SER A 477 -17.29 -24.93 1.95
CA SER A 477 -15.95 -25.22 2.50
C SER A 477 -15.46 -24.06 3.40
N LEU A 478 -15.67 -22.83 2.93
CA LEU A 478 -15.28 -21.67 3.74
C LEU A 478 -16.03 -21.69 5.06
N LYS A 479 -17.32 -22.01 5.02
CA LYS A 479 -18.12 -22.09 6.23
CA LYS A 479 -18.15 -22.14 6.22
CA LYS A 479 -18.14 -22.12 6.22
CA LYS A 479 -18.14 -22.12 6.22
C LYS A 479 -17.53 -23.13 7.19
N GLU A 480 -17.23 -24.33 6.70
CA GLU A 480 -16.67 -25.45 7.47
C GLU A 480 -15.34 -25.08 8.14
N LEU A 481 -14.52 -24.35 7.38
CA LEU A 481 -13.19 -23.97 7.81
C LEU A 481 -13.20 -22.95 8.95
N GLY A 482 -14.20 -22.07 8.97
CA GLY A 482 -14.31 -21.10 10.08
C GLY A 482 -13.71 -19.71 9.86
N ILE A 483 -13.14 -19.47 8.68
CA ILE A 483 -12.58 -18.14 8.42
C ILE A 483 -13.69 -17.08 8.43
N THR A 484 -13.32 -15.85 8.79
CA THR A 484 -14.34 -14.81 8.96
C THR A 484 -14.45 -13.87 7.76
N THR A 485 -13.40 -13.82 6.94
CA THR A 485 -13.26 -12.76 5.96
C THR A 485 -12.48 -13.28 4.77
N VAL A 486 -13.02 -13.10 3.57
CA VAL A 486 -12.30 -13.43 2.33
C VAL A 486 -11.62 -12.17 1.81
N GLN A 487 -10.30 -12.25 1.58
CA GLN A 487 -9.62 -11.17 0.90
C GLN A 487 -9.49 -11.56 -0.57
N LEU A 488 -10.17 -10.83 -1.45
CA LEU A 488 -10.14 -11.15 -2.88
C LEU A 488 -8.94 -10.51 -3.57
N GLN A 489 -8.19 -11.29 -4.36
CA GLN A 489 -7.16 -10.70 -5.22
C GLN A 489 -7.86 -9.72 -6.18
N PRO A 490 -7.11 -8.80 -6.81
CA PRO A 490 -7.76 -7.64 -7.46
C PRO A 490 -8.99 -7.90 -8.35
N VAL A 491 -10.09 -7.29 -7.97
CA VAL A 491 -11.31 -7.28 -8.81
C VAL A 491 -11.63 -5.90 -9.41
N GLU A 492 -10.80 -4.89 -9.16
CA GLU A 492 -10.92 -3.63 -9.93
C GLU A 492 -10.29 -3.86 -11.30
N GLU A 493 -11.04 -3.49 -12.35
CA GLU A 493 -10.66 -3.69 -13.75
C GLU A 493 -9.18 -3.44 -14.05
N PHE A 494 -8.54 -4.46 -14.60
CA PHE A 494 -7.14 -4.39 -14.95
C PHE A 494 -6.91 -4.67 -16.44
N ASN A 495 -5.72 -4.34 -16.93
CA ASN A 495 -5.46 -4.30 -18.37
C ASN A 495 -5.02 -5.63 -19.02
N SER A 496 -4.48 -6.54 -18.20
CA SER A 496 -3.72 -7.70 -18.72
C SER A 496 -4.58 -8.80 -19.37
N ILE A 497 -5.88 -8.76 -19.10
CA ILE A 497 -6.79 -9.72 -19.71
C ILE A 497 -7.66 -9.01 -20.74
N ASP A 498 -7.61 -9.51 -21.97
CA ASP A 498 -8.50 -9.07 -23.04
C ASP A 498 -9.85 -9.72 -22.73
N GLU A 499 -10.87 -8.88 -22.53
CA GLU A 499 -12.21 -9.38 -22.16
C GLU A 499 -12.89 -10.22 -23.22
N THR A 500 -12.37 -10.20 -24.46
CA THR A 500 -12.90 -11.11 -25.48
C THR A 500 -12.24 -12.49 -25.38
N GLN A 501 -11.18 -12.57 -24.55
CA GLN A 501 -10.49 -13.83 -24.28
CA GLN A 501 -10.49 -13.83 -24.28
C GLN A 501 -10.37 -13.98 -22.76
N PRO A 502 -11.53 -14.16 -22.08
CA PRO A 502 -11.54 -13.99 -20.62
C PRO A 502 -10.93 -15.14 -19.81
N ASP A 503 -10.43 -16.17 -20.49
CA ASP A 503 -9.81 -17.28 -19.76
C ASP A 503 -8.28 -17.24 -19.75
N THR A 504 -7.68 -16.13 -20.18
CA THR A 504 -6.25 -15.97 -19.93
C THR A 504 -6.11 -15.71 -18.43
N TYR A 505 -4.92 -15.97 -17.90
CA TYR A 505 -4.70 -15.90 -16.46
C TYR A 505 -3.92 -14.67 -16.03
N ASN A 506 -4.42 -13.91 -15.05
CA ASN A 506 -3.57 -12.90 -14.41
C ASN A 506 -4.02 -12.60 -12.98
N TRP A 507 -3.07 -12.33 -12.09
CA TRP A 507 -3.42 -11.86 -10.74
C TRP A 507 -4.19 -10.53 -10.73
N GLY A 508 -3.85 -9.63 -11.65
CA GLY A 508 -4.55 -8.35 -11.75
C GLY A 508 -3.90 -7.14 -11.12
N TYR A 509 -2.56 -7.16 -10.98
CA TYR A 509 -1.86 -6.01 -10.35
C TYR A 509 -1.53 -4.89 -11.35
N ASP A 510 -2.25 -4.86 -12.47
CA ASP A 510 -2.11 -3.80 -13.50
C ASP A 510 -3.42 -3.02 -13.71
N PRO A 511 -3.88 -2.27 -12.69
CA PRO A 511 -5.21 -1.65 -12.77
C PRO A 511 -5.35 -0.61 -13.90
N ARG A 512 -6.54 -0.53 -14.45
CA ARG A 512 -6.86 0.43 -15.50
C ARG A 512 -8.10 1.25 -15.18
N ASN A 513 -9.17 0.57 -14.74
CA ASN A 513 -10.43 1.27 -14.40
C ASN A 513 -10.80 0.98 -12.94
N TYR A 514 -10.38 1.87 -12.05
CA TYR A 514 -10.43 1.58 -10.61
C TYR A 514 -11.83 1.36 -10.03
N ASN A 515 -12.86 1.90 -10.69
CA ASN A 515 -14.21 1.88 -10.13
C ASN A 515 -15.17 0.94 -10.86
N VAL A 516 -14.58 -0.01 -11.59
CA VAL A 516 -15.31 -0.99 -12.41
C VAL A 516 -14.84 -2.41 -12.01
N PRO A 517 -15.79 -3.36 -11.83
CA PRO A 517 -15.41 -4.75 -11.57
C PRO A 517 -14.74 -5.39 -12.77
N GLU A 518 -13.73 -6.21 -12.52
CA GLU A 518 -13.09 -6.97 -13.60
C GLU A 518 -14.08 -7.80 -14.42
N GLY A 519 -14.05 -7.61 -15.74
CA GLY A 519 -15.01 -8.27 -16.64
C GLY A 519 -14.79 -9.77 -16.79
N ALA A 520 -13.54 -10.19 -16.73
CA ALA A 520 -13.18 -11.61 -16.97
C ALA A 520 -13.87 -12.54 -15.96
N TYR A 521 -14.19 -12.03 -14.79
CA TYR A 521 -14.84 -12.84 -13.74
C TYR A 521 -16.37 -12.79 -13.79
N ALA A 522 -16.93 -12.00 -14.72
CA ALA A 522 -18.38 -11.97 -14.94
C ALA A 522 -18.77 -12.98 -16.01
N THR A 523 -20.05 -13.38 -16.03
CA THR A 523 -20.52 -14.31 -17.05
C THR A 523 -20.49 -13.68 -18.47
N THR A 524 -20.50 -12.35 -18.50
CA THR A 524 -20.30 -11.59 -19.73
C THR A 524 -19.66 -10.24 -19.40
N PRO A 525 -18.80 -9.74 -20.29
CA PRO A 525 -18.24 -8.39 -20.08
C PRO A 525 -19.18 -7.29 -20.53
N GLU A 526 -20.29 -7.68 -21.16
CA GLU A 526 -21.27 -6.70 -21.61
C GLU A 526 -22.01 -6.06 -20.46
N GLY A 527 -22.08 -4.73 -20.52
CA GLY A 527 -22.99 -3.97 -19.65
C GLY A 527 -22.72 -4.14 -18.17
N THR A 528 -23.80 -4.30 -17.41
CA THR A 528 -23.73 -4.26 -15.95
C THR A 528 -23.74 -5.62 -15.26
N ALA A 529 -23.68 -6.72 -16.01
CA ALA A 529 -23.64 -8.06 -15.36
C ALA A 529 -22.48 -8.14 -14.37
N ARG A 530 -21.34 -7.53 -14.71
CA ARG A 530 -20.18 -7.57 -13.82
C ARG A 530 -20.47 -6.91 -12.46
N ILE A 531 -21.32 -5.88 -12.47
CA ILE A 531 -21.70 -5.17 -11.25
C ILE A 531 -22.60 -6.05 -10.40
N THR A 532 -23.69 -6.55 -11.00
CA THR A 532 -24.65 -7.39 -10.29
C THR A 532 -24.00 -8.65 -9.72
N GLU A 533 -23.12 -9.28 -10.52
CA GLU A 533 -22.54 -10.55 -10.11
C GLU A 533 -21.55 -10.41 -8.97
N LEU A 534 -20.78 -9.33 -8.96
CA LEU A 534 -19.88 -9.09 -7.83
C LEU A 534 -20.68 -8.76 -6.58
N LYS A 535 -21.75 -7.97 -6.75
CA LYS A 535 -22.63 -7.74 -5.60
C LYS A 535 -23.21 -9.05 -5.08
N GLN A 536 -23.55 -9.99 -5.99
CA GLN A 536 -24.09 -11.28 -5.56
C GLN A 536 -23.05 -12.08 -4.79
N LEU A 537 -21.79 -12.01 -5.22
CA LEU A 537 -20.70 -12.65 -4.45
C LEU A 537 -20.67 -12.12 -3.00
N ILE A 538 -20.64 -10.79 -2.88
CA ILE A 538 -20.59 -10.13 -1.58
C ILE A 538 -21.83 -10.45 -0.75
N GLN A 539 -23.00 -10.37 -1.37
CA GLN A 539 -24.26 -10.72 -0.70
C GLN A 539 -24.23 -12.14 -0.14
N SER A 540 -23.73 -13.07 -0.94
CA SER A 540 -23.66 -14.49 -0.58
CA SER A 540 -23.70 -14.48 -0.56
C SER A 540 -22.78 -14.72 0.64
N LEU A 541 -21.60 -14.12 0.60
CA LEU A 541 -20.63 -14.27 1.68
C LEU A 541 -21.21 -13.65 2.97
N HIS A 542 -21.82 -12.47 2.84
CA HIS A 542 -22.43 -11.82 4.00
C HIS A 542 -23.51 -12.69 4.63
N GLN A 543 -24.31 -13.37 3.81
CA GLN A 543 -25.36 -14.28 4.33
C GLN A 543 -24.77 -15.41 5.16
N GLN A 544 -23.50 -15.73 4.93
CA GLN A 544 -22.81 -16.76 5.72
C GLN A 544 -21.93 -16.15 6.82
N ARG A 545 -22.14 -14.86 7.11
CA ARG A 545 -21.36 -14.13 8.12
C ARG A 545 -19.85 -14.11 7.78
N ILE A 546 -19.57 -14.01 6.47
CA ILE A 546 -18.19 -13.86 5.98
C ILE A 546 -18.08 -12.50 5.30
N GLY A 547 -17.06 -11.75 5.70
CA GLY A 547 -16.79 -10.42 5.12
C GLY A 547 -15.94 -10.49 3.87
N VAL A 548 -15.86 -9.36 3.17
CA VAL A 548 -15.04 -9.26 1.95
C VAL A 548 -14.11 -8.07 2.03
N ASN A 549 -12.81 -8.34 1.98
CA ASN A 549 -11.78 -7.31 1.88
C ASN A 549 -11.22 -7.30 0.46
N MET A 550 -11.19 -6.14 -0.18
CA MET A 550 -10.62 -6.06 -1.54
C MET A 550 -9.13 -5.76 -1.53
N ASP A 551 -8.34 -6.60 -2.20
CA ASP A 551 -6.97 -6.22 -2.60
C ASP A 551 -7.09 -5.10 -3.62
N VAL A 552 -6.49 -3.94 -3.35
CA VAL A 552 -6.57 -2.78 -4.26
C VAL A 552 -5.17 -2.21 -4.56
N VAL A 553 -5.01 -1.73 -5.78
CA VAL A 553 -3.70 -1.37 -6.32
C VAL A 553 -3.69 0.10 -6.76
N TYR A 554 -3.95 0.99 -5.80
CA TYR A 554 -3.89 2.45 -6.03
C TYR A 554 -2.47 2.97 -6.19
N ASN A 555 -1.45 2.16 -5.93
CA ASN A 555 -0.08 2.67 -5.91
C ASN A 555 0.56 2.89 -7.30
N HIS A 556 -0.02 2.29 -8.35
CA HIS A 556 0.45 2.44 -9.74
C HIS A 556 -0.63 2.02 -10.73
N THR A 557 -0.51 2.44 -11.99
CA THR A 557 -1.43 2.02 -13.06
C THR A 557 -0.72 1.11 -14.05
N PHE A 558 -1.48 0.45 -14.91
CA PHE A 558 -0.93 -0.53 -15.85
C PHE A 558 0.21 0.03 -16.71
N ASP A 559 0.09 1.31 -17.07
CA ASP A 559 1.12 2.01 -17.83
C ASP A 559 0.89 3.49 -17.65
N VAL A 560 1.81 4.28 -18.21
CA VAL A 560 1.67 5.73 -18.28
C VAL A 560 1.58 6.14 -19.74
N MET A 561 1.35 7.44 -19.95
CA MET A 561 1.22 8.06 -21.27
C MET A 561 -0.05 7.67 -22.04
N VAL A 562 -0.35 6.37 -22.07
CA VAL A 562 -1.57 5.83 -22.69
C VAL A 562 -2.71 5.66 -21.67
N SER A 563 -2.41 5.97 -20.41
CA SER A 563 -3.40 5.87 -19.33
C SER A 563 -4.37 7.04 -19.41
N ASP A 564 -5.61 6.83 -19.00
CA ASP A 564 -6.58 7.92 -18.94
C ASP A 564 -6.07 9.11 -18.11
N PHE A 565 -5.39 8.82 -17.00
CA PHE A 565 -4.79 9.89 -16.18
C PHE A 565 -3.90 10.83 -17.00
N ASP A 566 -2.97 10.26 -17.78
CA ASP A 566 -1.98 11.05 -18.53
C ASP A 566 -2.60 11.75 -19.72
N LYS A 567 -3.69 11.19 -20.23
CA LYS A 567 -4.41 11.85 -21.34
C LYS A 567 -5.27 13.05 -20.87
N ILE A 568 -5.59 13.10 -19.58
CA ILE A 568 -6.43 14.17 -19.04
C ILE A 568 -5.59 15.27 -18.37
N VAL A 569 -4.66 14.87 -17.51
CA VAL A 569 -3.77 15.82 -16.82
C VAL A 569 -2.34 15.27 -16.89
N PRO A 570 -1.62 15.58 -17.99
CA PRO A 570 -0.31 14.99 -18.28
C PRO A 570 0.64 14.95 -17.08
N GLN A 571 1.06 13.73 -16.76
CA GLN A 571 2.01 13.39 -15.68
C GLN A 571 1.57 13.58 -14.22
N TYR A 572 0.58 14.44 -13.99
CA TYR A 572 0.28 14.92 -12.66
C TYR A 572 -0.20 13.82 -11.68
N TYR A 573 -0.81 12.76 -12.20
CA TYR A 573 -1.27 11.68 -11.30
C TYR A 573 -0.14 10.75 -10.86
N TYR A 574 1.07 10.98 -11.37
CA TYR A 574 2.23 10.10 -11.14
C TYR A 574 3.39 10.87 -10.51
N ARG A 575 4.32 10.17 -9.86
CA ARG A 575 5.52 10.80 -9.32
C ARG A 575 6.61 10.91 -10.38
N THR A 576 7.21 12.09 -10.49
CA THR A 576 8.31 12.30 -11.42
C THR A 576 9.47 12.94 -10.66
N ASP A 577 10.69 12.76 -11.16
CA ASP A 577 11.87 13.35 -10.54
C ASP A 577 12.21 14.69 -11.20
N SER A 578 13.35 15.27 -10.82
CA SER A 578 13.70 16.60 -11.30
C SER A 578 14.20 16.61 -12.74
N ASN A 579 14.52 15.42 -13.26
CA ASN A 579 14.85 15.22 -14.67
C ASN A 579 13.61 15.11 -15.56
N GLY A 580 12.45 14.96 -14.92
CA GLY A 580 11.19 14.78 -15.65
C GLY A 580 10.85 13.34 -15.98
N ASN A 581 11.50 12.40 -15.31
CA ASN A 581 11.25 10.98 -15.50
C ASN A 581 10.30 10.41 -14.47
N TYR A 582 9.48 9.43 -14.86
CA TYR A 582 8.59 8.75 -13.91
C TYR A 582 9.44 7.93 -12.93
N THR A 583 9.19 8.09 -11.63
CA THR A 583 9.91 7.29 -10.61
C THR A 583 9.27 5.90 -10.52
N ASN A 584 10.04 4.93 -10.02
CA ASN A 584 9.65 3.51 -10.08
C ASN A 584 9.34 2.89 -8.70
N GLY A 585 8.58 3.59 -7.87
CA GLY A 585 8.22 3.11 -6.52
C GLY A 585 7.57 1.74 -6.46
N SER A 586 6.77 1.42 -7.48
CA SER A 586 6.05 0.16 -7.53
C SER A 586 6.86 -1.00 -8.11
N GLY A 587 7.96 -0.67 -8.78
CA GLY A 587 8.70 -1.67 -9.56
C GLY A 587 8.06 -1.97 -10.91
N CSX A 588 6.92 -1.34 -11.22
CA CSX A 588 6.19 -1.56 -12.46
CB CSX A 588 4.72 -1.92 -12.21
SG CSX A 588 4.54 -3.38 -11.31
C CSX A 588 6.24 -0.38 -13.41
O CSX A 588 5.46 -0.29 -14.36
OD CSX A 588 4.90 -4.40 -12.33
N GLY A 589 7.15 0.57 -13.16
CA GLY A 589 7.42 1.65 -14.12
C GLY A 589 6.83 2.99 -13.75
N ASN A 590 5.94 3.01 -12.77
CA ASN A 590 5.33 4.26 -12.33
C ASN A 590 4.82 4.13 -10.92
N GLU A 591 4.52 5.27 -10.30
CA GLU A 591 3.81 5.28 -9.02
C GLU A 591 2.85 6.47 -8.93
N PHE A 592 1.71 6.23 -8.29
CA PHE A 592 0.63 7.21 -8.18
C PHE A 592 1.00 8.26 -7.14
N ALA A 593 0.84 9.54 -7.49
CA ALA A 593 1.28 10.66 -6.64
C ALA A 593 0.22 11.10 -5.62
N THR A 594 0.06 10.35 -4.53
CA THR A 594 -0.93 10.68 -3.50
C THR A 594 -0.66 11.99 -2.75
N GLU A 595 0.56 12.52 -2.87
CA GLU A 595 0.89 13.85 -2.31
C GLU A 595 0.27 15.00 -3.13
N HIS A 596 -0.30 14.67 -4.29
CA HIS A 596 -1.02 15.65 -5.11
C HIS A 596 -2.48 15.57 -4.69
N PRO A 597 -3.05 16.67 -4.16
CA PRO A 597 -4.40 16.66 -3.57
C PRO A 597 -5.51 15.98 -4.40
N MET A 598 -5.58 16.26 -5.71
CA MET A 598 -6.63 15.67 -6.55
C MET A 598 -6.39 14.21 -6.85
N ALA A 599 -5.13 13.79 -6.83
CA ALA A 599 -4.81 12.37 -6.97
C ALA A 599 -5.22 11.65 -5.67
N GLN A 600 -4.89 12.25 -4.53
CA GLN A 600 -5.36 11.72 -3.25
C GLN A 600 -6.90 11.63 -3.20
N LYS A 601 -7.56 12.69 -3.64
CA LYS A 601 -9.04 12.70 -3.70
C LYS A 601 -9.58 11.57 -4.55
N PHE A 602 -8.91 11.27 -5.67
CA PHE A 602 -9.34 10.17 -6.52
C PHE A 602 -9.38 8.85 -5.74
N VAL A 603 -8.33 8.61 -4.95
CA VAL A 603 -8.27 7.39 -4.16
C VAL A 603 -9.34 7.39 -3.07
N LEU A 604 -9.46 8.51 -2.35
CA LEU A 604 -10.49 8.59 -1.31
C LEU A 604 -11.89 8.39 -1.87
N ASP A 605 -12.19 9.05 -2.99
CA ASP A 605 -13.51 8.88 -3.61
C ASP A 605 -13.73 7.41 -4.00
N SER A 606 -12.68 6.78 -4.53
CA SER A 606 -12.79 5.37 -4.97
C SER A 606 -13.11 4.41 -3.82
N VAL A 607 -12.36 4.49 -2.73
CA VAL A 607 -12.60 3.54 -1.63
C VAL A 607 -13.98 3.80 -1.00
N ASN A 608 -14.39 5.06 -0.93
CA ASN A 608 -15.74 5.37 -0.46
C ASN A 608 -16.80 4.74 -1.35
N TYR A 609 -16.58 4.80 -2.67
CA TYR A 609 -17.52 4.27 -3.65
C TYR A 609 -17.64 2.74 -3.48
N TRP A 610 -16.50 2.06 -3.36
CA TRP A 610 -16.55 0.60 -3.20
C TRP A 610 -17.28 0.17 -1.91
N VAL A 611 -17.05 0.88 -0.81
CA VAL A 611 -17.79 0.58 0.41
C VAL A 611 -19.28 0.91 0.25
N ASN A 612 -19.58 2.09 -0.27
CA ASN A 612 -20.99 2.52 -0.35
C ASN A 612 -21.81 1.71 -1.36
N GLU A 613 -21.26 1.47 -2.56
CA GLU A 613 -22.01 0.81 -3.61
C GLU A 613 -22.00 -0.72 -3.50
N TYR A 614 -20.85 -1.28 -3.12
CA TYR A 614 -20.68 -2.73 -3.08
C TYR A 614 -20.69 -3.36 -1.69
N HIS A 615 -20.70 -2.54 -0.64
CA HIS A 615 -20.81 -3.05 0.76
C HIS A 615 -19.59 -3.89 1.14
N VAL A 616 -18.44 -3.51 0.59
CA VAL A 616 -17.22 -4.20 0.98
CA VAL A 616 -17.14 -4.10 0.91
C VAL A 616 -16.81 -3.78 2.38
N ASP A 617 -16.14 -4.71 3.07
CA ASP A 617 -15.91 -4.60 4.52
C ASP A 617 -14.49 -4.14 4.88
N GLY A 618 -13.62 -3.99 3.90
CA GLY A 618 -12.25 -3.61 4.18
C GLY A 618 -11.37 -3.68 2.96
N PHE A 619 -10.09 -3.31 3.12
CA PHE A 619 -9.15 -3.22 2.01
C PHE A 619 -7.78 -3.69 2.41
N ARG A 620 -7.15 -4.41 1.48
CA ARG A 620 -5.74 -4.76 1.53
C ARG A 620 -5.03 -3.91 0.48
N PHE A 621 -4.21 -2.97 0.94
CA PHE A 621 -3.50 -2.04 0.06
C PHE A 621 -2.15 -2.58 -0.43
N ASP A 622 -2.12 -2.96 -1.70
CA ASP A 622 -0.88 -3.39 -2.37
C ASP A 622 0.17 -2.28 -2.20
N LEU A 623 1.40 -2.67 -1.87
CA LEU A 623 2.51 -1.69 -1.65
C LEU A 623 2.04 -0.42 -0.95
N MET A 624 1.35 -0.61 0.17
CA MET A 624 0.76 0.48 0.94
C MET A 624 1.76 1.58 1.36
N ALA A 625 3.01 1.19 1.59
CA ALA A 625 4.05 2.17 1.95
C ALA A 625 4.04 3.34 0.96
N LEU A 626 3.87 3.04 -0.33
CA LEU A 626 3.83 4.06 -1.39
C LEU A 626 2.70 5.07 -1.28
N LEU A 627 1.60 4.71 -0.61
CA LEU A 627 0.45 5.63 -0.51
C LEU A 627 0.71 6.78 0.46
N GLY A 628 1.60 6.56 1.41
CA GLY A 628 1.99 7.61 2.36
C GLY A 628 1.13 7.67 3.62
N LYS A 629 1.75 8.11 4.72
CA LYS A 629 1.08 8.20 6.03
C LYS A 629 -0.13 9.12 6.02
N ASP A 630 0.04 10.34 5.47
CA ASP A 630 -1.03 11.31 5.47
C ASP A 630 -2.26 10.79 4.74
N THR A 631 -2.01 10.16 3.59
CA THR A 631 -3.08 9.54 2.81
C THR A 631 -3.78 8.39 3.54
N MET A 632 -3.01 7.50 4.15
CA MET A 632 -3.61 6.37 4.87
C MET A 632 -4.41 6.81 6.09
N ALA A 633 -3.93 7.85 6.77
CA ALA A 633 -4.67 8.42 7.89
C ALA A 633 -6.02 8.94 7.39
N LYS A 634 -6.04 9.58 6.22
CA LYS A 634 -7.31 10.11 5.69
C LYS A 634 -8.25 9.01 5.24
N ILE A 635 -7.71 7.99 4.58
CA ILE A 635 -8.50 6.83 4.20
C ILE A 635 -9.14 6.21 5.44
N SER A 636 -8.33 5.95 6.46
CA SER A 636 -8.82 5.36 7.70
C SER A 636 -9.90 6.23 8.35
N ASN A 637 -9.63 7.53 8.49
CA ASN A 637 -10.59 8.43 9.11
C ASN A 637 -11.93 8.51 8.36
N GLU A 638 -11.87 8.62 7.03
CA GLU A 638 -13.10 8.70 6.22
C GLU A 638 -13.91 7.42 6.30
N LEU A 639 -13.24 6.28 6.12
CA LEU A 639 -13.96 5.02 6.14
C LEU A 639 -14.48 4.66 7.54
N HIS A 640 -13.71 4.97 8.59
CA HIS A 640 -14.16 4.65 9.97
C HIS A 640 -15.32 5.56 10.40
N ALA A 641 -15.43 6.73 9.78
CA ALA A 641 -16.59 7.59 9.99
C ALA A 641 -17.88 6.96 9.44
N ILE A 642 -17.76 6.19 8.37
CA ILE A 642 -18.89 5.45 7.81
C ILE A 642 -19.19 4.25 8.72
N ASN A 643 -18.15 3.50 9.05
CA ASN A 643 -18.29 2.30 9.85
C ASN A 643 -16.96 2.03 10.58
N PRO A 644 -16.94 2.18 11.93
CA PRO A 644 -15.67 2.02 12.65
C PRO A 644 -15.09 0.62 12.58
N GLY A 645 -15.90 -0.36 12.16
CA GLY A 645 -15.44 -1.74 12.04
C GLY A 645 -14.72 -2.08 10.74
N ILE A 646 -14.67 -1.14 9.78
CA ILE A 646 -13.97 -1.41 8.52
C ILE A 646 -12.48 -1.70 8.82
N VAL A 647 -11.94 -2.74 8.19
CA VAL A 647 -10.55 -3.19 8.46
C VAL A 647 -9.67 -2.84 7.28
N LEU A 648 -8.55 -2.17 7.58
CA LEU A 648 -7.67 -1.61 6.57
C LEU A 648 -6.24 -2.02 6.87
N TYR A 649 -5.53 -2.52 5.86
CA TYR A 649 -4.13 -2.98 6.08
C TYR A 649 -3.42 -3.10 4.74
N GLY A 650 -2.11 -3.31 4.78
CA GLY A 650 -1.37 -3.48 3.53
C GLY A 650 0.11 -3.75 3.70
N GLU A 651 0.83 -3.82 2.59
CA GLU A 651 2.25 -4.16 2.61
C GLU A 651 3.11 -2.96 2.98
N PRO A 652 3.91 -3.09 4.06
CA PRO A 652 4.74 -1.95 4.51
C PRO A 652 6.08 -1.89 3.76
N TRP A 653 6.03 -2.04 2.44
CA TRP A 653 7.25 -1.96 1.63
C TRP A 653 6.93 -1.45 0.24
N THR A 654 7.98 -1.17 -0.53
CA THR A 654 7.83 -0.68 -1.89
C THR A 654 8.32 -1.75 -2.87
N GLY A 655 8.18 -1.47 -4.16
CA GLY A 655 8.67 -2.38 -5.20
C GLY A 655 9.89 -1.87 -5.94
N GLY A 656 10.40 -0.72 -5.50
CA GLY A 656 11.56 -0.06 -6.11
C GLY A 656 11.79 1.24 -5.41
N THR A 657 12.73 2.04 -5.92
CA THR A 657 13.07 3.32 -5.33
C THR A 657 11.90 4.28 -5.53
N SER A 658 11.37 4.81 -4.45
CA SER A 658 10.21 5.69 -4.55
C SER A 658 10.58 7.16 -4.58
N GLY A 659 9.79 7.95 -5.30
CA GLY A 659 9.89 9.42 -5.27
C GLY A 659 9.44 10.04 -3.96
N LEU A 660 8.62 9.31 -3.20
CA LEU A 660 8.11 9.81 -1.93
C LEU A 660 9.21 9.79 -0.85
N SER A 661 9.28 10.85 -0.05
CA SER A 661 10.27 10.92 1.03
C SER A 661 10.07 9.81 2.06
N SER A 662 11.17 9.26 2.58
CA SER A 662 11.09 8.12 3.50
C SER A 662 10.26 8.42 4.76
N ASP A 663 10.17 9.70 5.14
CA ASP A 663 9.39 10.14 6.29
CA ASP A 663 9.41 10.08 6.32
C ASP A 663 7.89 9.91 6.12
N GLN A 664 7.46 9.78 4.87
CA GLN A 664 6.03 9.57 4.59
C GLN A 664 5.70 8.12 4.22
N LEU A 665 6.72 7.34 3.85
CA LEU A 665 6.50 5.95 3.45
C LEU A 665 5.94 5.17 4.63
N VAL A 666 4.89 4.37 4.38
CA VAL A 666 4.29 3.59 5.47
C VAL A 666 5.02 2.25 5.64
N THR A 667 6.22 2.33 6.20
CA THR A 667 6.99 1.13 6.59
C THR A 667 6.57 0.73 8.01
N LYS A 668 7.04 -0.43 8.49
CA LYS A 668 6.61 -0.91 9.80
C LYS A 668 6.95 0.09 10.91
N GLY A 669 5.98 0.39 11.75
CA GLY A 669 6.12 1.40 12.81
C GLY A 669 5.37 2.68 12.42
N GLN A 670 5.30 2.95 11.12
CA GLN A 670 4.66 4.17 10.64
C GLN A 670 3.13 4.13 10.69
N GLN A 671 2.56 2.94 10.87
CA GLN A 671 1.11 2.77 10.99
C GLN A 671 0.57 3.08 12.37
N LYS A 672 1.46 3.26 13.35
CA LYS A 672 1.04 3.43 14.74
C LYS A 672 -0.07 4.45 14.92
N GLY A 673 -1.17 4.02 15.54
CA GLY A 673 -2.28 4.89 15.89
C GLY A 673 -3.16 5.33 14.72
N LEU A 674 -2.87 4.83 13.51
CA LEU A 674 -3.63 5.30 12.32
C LEU A 674 -4.91 4.53 12.05
N GLY A 675 -5.10 3.40 12.72
CA GLY A 675 -6.30 2.55 12.49
C GLY A 675 -6.13 1.63 11.28
N ILE A 676 -4.87 1.31 10.99
CA ILE A 676 -4.52 0.42 9.87
C ILE A 676 -3.44 -0.57 10.31
N GLY A 677 -3.37 -1.70 9.60
CA GLY A 677 -2.38 -2.75 9.88
C GLY A 677 -1.37 -2.98 8.78
N VAL A 678 -0.26 -3.63 9.14
CA VAL A 678 0.78 -3.95 8.15
C VAL A 678 1.13 -5.43 8.17
N PHE A 679 1.35 -6.01 7.00
CA PHE A 679 1.81 -7.39 6.92
C PHE A 679 3.13 -7.52 7.66
N ASN A 680 3.19 -8.53 8.52
CA ASN A 680 4.31 -8.71 9.42
C ASN A 680 5.34 -9.68 8.83
N ASP A 681 6.26 -9.14 8.05
CA ASP A 681 7.31 -9.99 7.50
C ASP A 681 8.31 -10.47 8.55
N ASN A 682 8.33 -9.83 9.73
CA ASN A 682 9.21 -10.34 10.81
C ASN A 682 8.77 -11.71 11.32
N ILE A 683 7.48 -11.85 11.64
CA ILE A 683 6.99 -13.17 12.08
C ILE A 683 7.06 -14.21 10.93
N ARG A 684 6.76 -13.78 9.70
CA ARG A 684 6.85 -14.63 8.51
C ARG A 684 8.25 -15.20 8.36
N ASN A 685 9.25 -14.33 8.39
CA ASN A 685 10.65 -14.80 8.27
C ASN A 685 11.03 -15.67 9.46
N GLY A 686 10.52 -15.32 10.64
CA GLY A 686 10.78 -16.11 11.83
C GLY A 686 10.20 -17.52 11.75
N LEU A 687 9.06 -17.67 11.08
CA LEU A 687 8.41 -18.97 10.98
C LEU A 687 9.04 -19.94 9.99
N ASP A 688 9.44 -19.46 8.82
CA ASP A 688 9.92 -20.39 7.79
C ASP A 688 11.22 -20.01 7.08
N GLY A 689 11.90 -18.98 7.57
CA GLY A 689 13.20 -18.56 7.04
C GLY A 689 13.10 -17.34 6.15
N ASN A 690 14.23 -16.64 5.96
CA ASN A 690 14.23 -15.43 5.12
C ASN A 690 13.73 -15.74 3.70
N VAL A 691 12.93 -14.81 3.17
CA VAL A 691 12.27 -14.97 1.88
C VAL A 691 13.26 -15.12 0.70
N PHE A 692 14.46 -14.55 0.83
CA PHE A 692 15.46 -14.63 -0.25
C PHE A 692 16.04 -16.03 -0.47
N ASP A 693 16.08 -16.84 0.59
CA ASP A 693 16.71 -18.15 0.54
C ASP A 693 15.64 -19.26 0.55
N LYS A 694 15.41 -19.87 -0.61
CA LYS A 694 14.41 -20.93 -0.74
C LYS A 694 14.65 -22.07 0.22
N THR A 695 15.93 -22.34 0.53
CA THR A 695 16.28 -23.49 1.40
C THR A 695 16.40 -23.12 2.89
N ALA A 696 16.21 -21.84 3.23
CA ALA A 696 16.27 -21.37 4.61
C ALA A 696 15.17 -22.03 5.45
N GLN A 697 15.52 -22.43 6.66
CA GLN A 697 14.53 -22.93 7.61
C GLN A 697 14.21 -21.81 8.60
N GLY A 698 13.10 -21.99 9.34
CA GLY A 698 12.70 -21.07 10.39
C GLY A 698 12.25 -21.86 11.61
N PHE A 699 11.56 -21.19 12.53
CA PHE A 699 11.08 -21.81 13.76
C PHE A 699 10.30 -23.11 13.53
N ALA A 700 9.39 -23.10 12.56
CA ALA A 700 8.52 -24.26 12.35
C ALA A 700 9.26 -25.45 11.72
N THR A 701 10.40 -25.17 11.08
CA THR A 701 11.04 -26.15 10.18
C THR A 701 12.52 -26.48 10.50
N GLY A 702 12.98 -26.05 11.66
CA GLY A 702 14.25 -26.55 12.18
C GLY A 702 15.31 -25.55 12.57
N ASP A 703 15.15 -24.27 12.20
CA ASP A 703 16.13 -23.27 12.61
C ASP A 703 16.01 -23.04 14.11
N PRO A 704 17.15 -23.02 14.84
CA PRO A 704 17.06 -22.92 16.30
C PRO A 704 17.17 -21.51 16.86
N ASN A 705 17.25 -20.50 15.99
CA ASN A 705 17.59 -19.14 16.41
C ASN A 705 16.44 -18.14 16.35
N GLN A 706 15.21 -18.64 16.33
CA GLN A 706 14.04 -17.76 16.13
C GLN A 706 13.12 -17.53 17.34
N VAL A 707 13.46 -18.07 18.51
CA VAL A 707 12.55 -17.98 19.68
C VAL A 707 12.14 -16.53 20.00
N ASP A 708 13.10 -15.61 20.07
CA ASP A 708 12.77 -14.22 20.39
C ASP A 708 11.88 -13.57 19.34
N VAL A 709 12.14 -13.87 18.07
CA VAL A 709 11.31 -13.35 16.97
C VAL A 709 9.86 -13.85 17.17
N ILE A 710 9.73 -15.14 17.47
CA ILE A 710 8.40 -15.73 17.67
C ILE A 710 7.70 -15.14 18.90
N LYS A 711 8.42 -14.98 19.99
CA LYS A 711 7.83 -14.34 21.17
C LYS A 711 7.31 -12.93 20.83
N ASN A 712 8.07 -12.17 20.06
CA ASN A 712 7.63 -10.83 19.69
C ASN A 712 6.38 -10.85 18.82
N GLY A 713 6.26 -11.85 17.96
CA GLY A 713 5.03 -12.06 17.18
C GLY A 713 3.84 -12.52 18.02
N VAL A 714 4.08 -13.39 19.00
CA VAL A 714 3.02 -13.89 19.89
C VAL A 714 2.30 -12.73 20.61
N ILE A 715 3.06 -11.72 21.02
CA ILE A 715 2.45 -10.61 21.76
C ILE A 715 1.89 -9.50 20.85
N GLY A 716 1.64 -9.83 19.58
CA GLY A 716 1.02 -8.89 18.64
C GLY A 716 1.94 -7.75 18.29
N SER A 717 3.25 -7.99 18.37
CA SER A 717 4.28 -7.06 17.90
C SER A 717 4.41 -5.73 18.65
N ILE A 718 3.80 -5.67 19.83
CA ILE A 718 3.70 -4.42 20.62
C ILE A 718 5.05 -3.93 21.17
N GLN A 719 6.07 -4.79 21.11
CA GLN A 719 7.43 -4.38 21.49
C GLN A 719 8.36 -4.35 20.28
N ASP A 720 7.77 -4.50 19.09
CA ASP A 720 8.56 -4.58 17.87
C ASP A 720 8.21 -3.35 17.00
N PHE A 721 6.97 -3.26 16.52
CA PHE A 721 6.59 -2.13 15.65
C PHE A 721 5.14 -1.66 15.75
N THR A 722 4.35 -2.23 16.67
CA THR A 722 2.94 -1.82 16.81
C THR A 722 2.65 -1.09 18.11
N SER A 723 1.59 -0.27 18.08
CA SER A 723 1.02 0.31 19.29
C SER A 723 -0.18 -0.46 19.81
N ALA A 724 -0.75 -1.31 18.95
CA ALA A 724 -1.92 -2.11 19.28
C ALA A 724 -1.87 -3.37 18.40
N PRO A 725 -2.39 -4.51 18.90
CA PRO A 725 -2.26 -5.75 18.10
C PRO A 725 -3.03 -5.74 16.77
N SER A 726 -4.06 -4.89 16.67
CA SER A 726 -4.74 -4.68 15.38
C SER A 726 -3.84 -4.17 14.25
N GLU A 727 -2.64 -3.67 14.59
CA GLU A 727 -1.72 -3.12 13.58
C GLU A 727 -0.80 -4.14 12.91
N THR A 728 -0.85 -5.40 13.38
CA THR A 728 -0.05 -6.44 12.75
C THR A 728 -0.92 -7.51 12.10
N ILE A 729 -0.66 -7.74 10.81
CA ILE A 729 -1.25 -8.87 10.08
C ILE A 729 -0.23 -10.01 10.09
N ASN A 730 -0.50 -11.02 10.91
CA ASN A 730 0.43 -12.13 11.10
C ASN A 730 0.21 -13.17 10.01
N TYR A 731 1.29 -13.65 9.43
CA TYR A 731 1.16 -14.63 8.34
C TYR A 731 2.46 -15.35 8.11
N VAL A 732 2.35 -16.46 7.37
CA VAL A 732 3.52 -17.22 6.93
C VAL A 732 3.62 -17.29 5.39
N THR A 733 2.48 -17.32 4.68
CA THR A 733 2.52 -17.25 3.22
C THR A 733 1.40 -16.38 2.66
N SER A 734 1.51 -16.06 1.37
CA SER A 734 0.52 -15.27 0.63
C SER A 734 0.63 -15.66 -0.84
N HIS A 735 -0.12 -14.98 -1.72
CA HIS A 735 -0.07 -15.28 -3.16
C HIS A 735 1.34 -15.10 -3.75
N ASP A 736 2.13 -14.21 -3.13
CA ASP A 736 3.52 -13.96 -3.57
C ASP A 736 4.42 -15.09 -3.09
N ASN A 737 5.52 -15.33 -3.80
CA ASN A 737 6.47 -16.36 -3.37
C ASN A 737 5.82 -17.76 -3.36
N MET A 738 6.26 -18.65 -2.46
CA MET A 738 5.83 -20.05 -2.54
CA MET A 738 5.84 -20.05 -2.53
C MET A 738 4.69 -20.41 -1.57
N THR A 739 3.89 -21.40 -1.94
CA THR A 739 2.93 -21.93 -0.97
C THR A 739 3.77 -22.61 0.13
N LEU A 740 3.21 -22.76 1.32
CA LEU A 740 3.99 -23.33 2.41
C LEU A 740 4.40 -24.77 2.11
N TRP A 741 3.52 -25.52 1.45
CA TRP A 741 3.83 -26.93 1.13
C TRP A 741 5.07 -26.98 0.23
N ASP A 742 5.09 -26.11 -0.77
CA ASP A 742 6.23 -26.03 -1.72
C ASP A 742 7.48 -25.51 -1.02
N LYS A 743 7.30 -24.50 -0.16
CA LYS A 743 8.42 -23.90 0.58
C LYS A 743 9.11 -24.94 1.47
N ILE A 744 8.31 -25.74 2.17
CA ILE A 744 8.84 -26.74 3.09
C ILE A 744 9.52 -27.89 2.31
N LEU A 745 8.99 -28.22 1.14
CA LEU A 745 9.69 -29.18 0.24
C LEU A 745 11.08 -28.69 -0.15
N ALA A 746 11.20 -27.39 -0.37
CA ALA A 746 12.49 -26.76 -0.67
C ALA A 746 13.47 -26.70 0.50
N SER A 747 12.99 -26.37 1.71
CA SER A 747 13.88 -26.20 2.86
C SER A 747 14.13 -27.48 3.64
N ASN A 748 13.21 -28.45 3.49
CA ASN A 748 13.24 -29.70 4.25
C ASN A 748 13.04 -30.92 3.34
N PRO A 749 13.83 -31.02 2.26
CA PRO A 749 13.63 -32.09 1.26
C PRO A 749 13.82 -33.51 1.82
N SER A 750 14.64 -33.65 2.87
CA SER A 750 14.92 -34.95 3.48
C SER A 750 13.90 -35.39 4.54
N ASP A 751 12.99 -34.51 4.92
CA ASP A 751 12.01 -34.86 5.93
C ASP A 751 10.83 -35.61 5.31
N THR A 752 10.21 -36.48 6.10
CA THR A 752 9.09 -37.29 5.65
C THR A 752 7.88 -36.42 5.36
N GLU A 753 6.92 -36.97 4.60
CA GLU A 753 5.63 -36.30 4.34
CA GLU A 753 5.70 -36.22 4.35
C GLU A 753 4.95 -36.00 5.66
N ALA A 754 4.92 -36.99 6.55
CA ALA A 754 4.24 -36.86 7.83
C ALA A 754 4.83 -35.72 8.65
N ASP A 755 6.16 -35.62 8.69
CA ASP A 755 6.79 -34.54 9.44
C ASP A 755 6.60 -33.19 8.79
N ARG A 756 6.65 -33.16 7.45
CA ARG A 756 6.41 -31.89 6.73
C ARG A 756 4.99 -31.38 6.96
N ILE A 757 4.02 -32.30 7.03
CA ILE A 757 2.63 -31.92 7.36
C ILE A 757 2.59 -31.27 8.77
N LYS A 758 3.28 -31.90 9.73
CA LYS A 758 3.34 -31.34 11.07
C LYS A 758 3.96 -29.94 11.12
N MET A 759 5.04 -29.71 10.36
CA MET A 759 5.70 -28.40 10.30
C MET A 759 4.78 -27.31 9.71
N ASP A 760 4.06 -27.69 8.65
CA ASP A 760 3.10 -26.78 7.99
C ASP A 760 2.00 -26.40 9.00
N GLU A 761 1.43 -27.40 9.66
CA GLU A 761 0.42 -27.17 10.68
C GLU A 761 0.93 -26.30 11.82
N LEU A 762 2.16 -26.57 12.28
CA LEU A 762 2.77 -25.75 13.35
C LEU A 762 2.95 -24.28 12.99
N ALA A 763 3.42 -23.99 11.78
CA ALA A 763 3.60 -22.62 11.34
C ALA A 763 2.26 -21.88 11.39
N HIS A 764 1.21 -22.52 10.87
CA HIS A 764 -0.12 -21.92 10.92
C HIS A 764 -0.68 -21.86 12.36
N ALA A 765 -0.34 -22.83 13.21
CA ALA A 765 -0.80 -22.79 14.61
C ALA A 765 -0.29 -21.53 15.32
N VAL A 766 0.98 -21.17 15.06
CA VAL A 766 1.52 -19.93 15.60
C VAL A 766 0.69 -18.74 15.11
N VAL A 767 0.42 -18.67 13.81
CA VAL A 767 -0.39 -17.58 13.27
C VAL A 767 -1.76 -17.50 13.96
N PHE A 768 -2.41 -18.65 14.14
CA PHE A 768 -3.78 -18.68 14.69
C PHE A 768 -3.85 -18.45 16.20
N THR A 769 -2.72 -18.63 16.91
CA THR A 769 -2.75 -18.49 18.38
C THR A 769 -1.99 -17.26 18.91
N SER A 770 -1.42 -16.48 18.00
CA SER A 770 -0.71 -15.24 18.35
C SER A 770 -1.69 -14.07 18.47
N GLN A 771 -1.39 -13.13 19.36
CA GLN A 771 -2.14 -11.86 19.36
C GLN A 771 -1.90 -11.13 18.03
N GLY A 772 -2.92 -10.41 17.54
CA GLY A 772 -2.83 -9.76 16.25
C GLY A 772 -3.91 -10.24 15.29
N VAL A 773 -3.71 -9.97 14.01
CA VAL A 773 -4.70 -10.32 12.98
C VAL A 773 -4.21 -11.50 12.13
N PRO A 774 -4.81 -12.68 12.31
CA PRO A 774 -4.28 -13.81 11.53
C PRO A 774 -4.73 -13.79 10.07
N PHE A 775 -3.81 -14.10 9.16
CA PHE A 775 -4.07 -14.10 7.72
C PHE A 775 -3.50 -15.40 7.19
N MET A 776 -4.20 -16.00 6.23
CA MET A 776 -3.66 -17.20 5.55
C MET A 776 -3.92 -17.12 4.06
N GLN A 777 -2.98 -17.68 3.29
CA GLN A 777 -3.21 -17.85 1.85
C GLN A 777 -4.24 -18.97 1.67
N GLY A 778 -5.33 -18.65 0.96
CA GLY A 778 -6.37 -19.66 0.72
C GLY A 778 -5.79 -20.90 0.08
N GLY A 779 -6.17 -22.06 0.59
CA GLY A 779 -5.71 -23.32 0.04
C GLY A 779 -4.58 -23.93 0.84
N GLU A 780 -3.99 -23.18 1.76
CA GLU A 780 -2.93 -23.78 2.58
C GLU A 780 -3.47 -24.94 3.45
N GLU A 781 -4.76 -24.87 3.78
CA GLU A 781 -5.46 -25.90 4.58
C GLU A 781 -5.59 -27.23 3.83
N MET A 782 -5.32 -27.24 2.52
CA MET A 782 -5.27 -28.48 1.76
C MET A 782 -3.93 -28.67 1.03
N LEU A 783 -2.88 -28.04 1.54
CA LEU A 783 -1.50 -28.16 1.04
C LEU A 783 -1.45 -27.84 -0.45
N ARG A 784 -2.13 -26.75 -0.82
CA ARG A 784 -2.13 -26.31 -2.23
C ARG A 784 -0.68 -26.19 -2.72
N THR A 785 -0.45 -26.64 -3.95
CA THR A 785 0.90 -26.65 -4.52
C THR A 785 0.90 -25.93 -5.88
N LYS A 786 1.94 -25.13 -6.11
CA LYS A 786 2.17 -24.45 -7.39
C LYS A 786 3.30 -25.14 -8.14
N GLY A 787 3.62 -26.36 -7.72
CA GLY A 787 4.76 -27.09 -8.33
C GLY A 787 6.08 -26.37 -8.14
N GLY A 788 6.19 -25.57 -7.08
CA GLY A 788 7.41 -24.85 -6.77
C GLY A 788 7.52 -23.46 -7.34
N ASN A 789 6.52 -23.03 -8.11
CA ASN A 789 6.50 -21.67 -8.67
C ASN A 789 6.54 -20.63 -7.55
N ASP A 790 7.43 -19.64 -7.67
CA ASP A 790 7.58 -18.62 -6.62
C ASP A 790 7.10 -17.22 -7.01
N ASN A 791 6.40 -17.14 -8.15
CA ASN A 791 5.86 -15.87 -8.65
C ASN A 791 4.86 -16.14 -9.77
N SER A 792 3.70 -16.65 -9.38
CA SER A 792 2.79 -17.31 -10.31
C SER A 792 1.75 -16.38 -10.98
N TYR A 793 2.07 -15.09 -11.08
CA TYR A 793 1.15 -14.02 -11.52
C TYR A 793 0.44 -14.24 -12.86
N ASN A 794 1.11 -14.90 -13.79
CA ASN A 794 0.51 -15.25 -15.08
C ASN A 794 0.66 -16.74 -15.43
N ALA A 795 0.85 -17.57 -14.41
CA ALA A 795 1.25 -18.97 -14.64
C ALA A 795 0.11 -19.91 -15.03
N GLY A 796 -1.13 -19.46 -14.92
CA GLY A 796 -2.27 -20.28 -15.32
C GLY A 796 -2.84 -21.18 -14.25
N ASP A 797 -3.80 -22.01 -14.67
CA ASP A 797 -4.65 -22.76 -13.75
C ASP A 797 -4.01 -24.02 -13.18
N SER A 798 -3.22 -24.75 -13.97
CA SER A 798 -2.52 -25.93 -13.47
CA SER A 798 -2.57 -25.94 -13.44
C SER A 798 -1.63 -25.57 -12.29
N VAL A 799 -1.06 -24.38 -12.34
CA VAL A 799 -0.20 -23.87 -11.25
C VAL A 799 -1.05 -23.32 -10.09
N ASN A 800 -1.98 -22.42 -10.40
CA ASN A 800 -2.69 -21.62 -9.38
C ASN A 800 -4.02 -22.12 -8.84
N GLN A 801 -4.69 -23.04 -9.55
CA GLN A 801 -6.08 -23.34 -9.16
C GLN A 801 -6.18 -23.98 -7.79
N PHE A 802 -7.36 -23.84 -7.18
CA PHE A 802 -7.74 -24.71 -6.06
C PHE A 802 -8.04 -26.10 -6.66
N ASP A 803 -7.14 -27.05 -6.41
CA ASP A 803 -7.33 -28.43 -6.81
C ASP A 803 -8.02 -29.07 -5.62
N TRP A 804 -9.33 -29.23 -5.72
CA TRP A 804 -10.14 -29.64 -4.56
C TRP A 804 -9.95 -31.11 -4.17
N SER A 805 -9.34 -31.91 -5.04
CA SER A 805 -8.92 -33.26 -4.67
C SER A 805 -7.95 -33.24 -3.49
N ARG A 806 -7.21 -32.15 -3.32
CA ARG A 806 -6.24 -32.08 -2.20
C ARG A 806 -6.94 -31.90 -0.86
N LYS A 807 -8.14 -31.34 -0.86
CA LYS A 807 -8.92 -31.36 0.37
C LYS A 807 -9.35 -32.79 0.76
N ALA A 808 -9.67 -33.63 -0.22
CA ALA A 808 -9.98 -35.02 0.07
C ALA A 808 -8.71 -35.74 0.56
N GLN A 809 -7.60 -35.48 -0.12
CA GLN A 809 -6.33 -36.13 0.18
C GLN A 809 -5.80 -35.74 1.55
N PHE A 810 -5.97 -34.47 1.90
CA PHE A 810 -5.43 -33.95 3.15
C PHE A 810 -6.51 -33.44 4.09
N LYS A 811 -7.60 -34.21 4.18
CA LYS A 811 -8.72 -33.82 5.02
C LYS A 811 -8.32 -33.67 6.49
N ASP A 812 -7.38 -34.48 6.98
CA ASP A 812 -6.91 -34.31 8.36
C ASP A 812 -6.25 -32.93 8.56
N VAL A 813 -5.48 -32.49 7.57
CA VAL A 813 -4.88 -31.15 7.61
C VAL A 813 -5.97 -30.08 7.61
N PHE A 814 -6.93 -30.21 6.71
CA PHE A 814 -8.07 -29.29 6.66
C PHE A 814 -8.78 -29.23 8.03
N ASP A 815 -9.04 -30.40 8.62
CA ASP A 815 -9.69 -30.47 9.93
C ASP A 815 -8.86 -29.84 11.06
N TYR A 816 -7.55 -30.02 11.00
CA TYR A 816 -6.65 -29.39 11.98
C TYR A 816 -6.71 -27.87 11.87
N PHE A 817 -6.57 -27.34 10.65
CA PHE A 817 -6.75 -25.89 10.43
C PHE A 817 -8.10 -25.41 10.96
N SER A 818 -9.18 -26.11 10.60
CA SER A 818 -10.52 -25.72 11.02
C SER A 818 -10.63 -25.72 12.55
N SER A 819 -10.05 -26.73 13.19
CA SER A 819 -10.14 -26.84 14.65
C SER A 819 -9.42 -25.68 15.35
N MET A 820 -8.25 -25.29 14.82
CA MET A 820 -7.49 -24.14 15.31
C MET A 820 -8.24 -22.84 15.12
N ILE A 821 -8.83 -22.68 13.94
CA ILE A 821 -9.56 -21.44 13.63
C ILE A 821 -10.79 -21.31 14.53
N HIS A 822 -11.56 -22.39 14.66
CA HIS A 822 -12.74 -22.37 15.55
C HIS A 822 -12.39 -22.11 17.02
N LEU A 823 -11.28 -22.68 17.47
CA LEU A 823 -10.79 -22.40 18.84
C LEU A 823 -10.54 -20.89 19.05
N ARG A 824 -9.79 -20.27 18.16
CA ARG A 824 -9.58 -18.82 18.22
C ARG A 824 -10.90 -18.04 18.19
N ASN A 825 -11.82 -18.46 17.32
CA ASN A 825 -13.12 -17.76 17.19
C ASN A 825 -13.89 -17.81 18.50
N GLN A 826 -13.72 -18.90 19.25
CA GLN A 826 -14.47 -19.14 20.49
C GLN A 826 -13.83 -18.51 21.72
N HIS A 827 -12.54 -18.16 21.61
CA HIS A 827 -11.77 -17.76 22.78
C HIS A 827 -11.10 -16.43 22.62
N PRO A 828 -11.77 -15.37 23.12
CA PRO A 828 -11.27 -14.00 22.93
C PRO A 828 -9.95 -13.67 23.64
N ALA A 829 -9.46 -14.55 24.53
CA ALA A 829 -8.12 -14.40 25.12
C ALA A 829 -7.04 -14.35 24.05
N PHE A 830 -7.27 -15.05 22.94
CA PHE A 830 -6.37 -15.02 21.79
C PHE A 830 -6.42 -13.71 20.98
N ARG A 831 -7.38 -12.84 21.33
CA ARG A 831 -7.73 -11.69 20.51
C ARG A 831 -7.85 -10.44 21.38
N MET A 832 -6.90 -10.27 22.30
CA MET A 832 -6.85 -9.02 23.09
C MET A 832 -6.70 -7.81 22.15
N THR A 833 -7.25 -6.66 22.55
CA THR A 833 -7.34 -5.53 21.62
C THR A 833 -6.38 -4.36 21.95
N THR A 834 -5.77 -4.40 23.12
CA THR A 834 -4.80 -3.36 23.49
C THR A 834 -3.49 -3.94 24.00
N ALA A 835 -2.43 -3.15 23.88
CA ALA A 835 -1.13 -3.50 24.43
C ALA A 835 -1.19 -3.70 25.94
N ASP A 836 -1.91 -2.82 26.66
CA ASP A 836 -2.04 -2.99 28.11
C ASP A 836 -2.69 -4.32 28.51
N GLN A 837 -3.75 -4.74 27.83
CA GLN A 837 -4.35 -6.05 28.10
C GLN A 837 -3.32 -7.14 27.95
N ILE A 838 -2.54 -7.10 26.86
CA ILE A 838 -1.55 -8.16 26.61
C ILE A 838 -0.47 -8.17 27.72
N LYS A 839 0.02 -6.99 28.10
CA LYS A 839 1.03 -6.91 29.16
CA LYS A 839 1.03 -6.91 29.16
C LYS A 839 0.45 -7.41 30.49
N GLN A 840 -0.83 -7.16 30.72
CA GLN A 840 -1.50 -7.61 31.94
C GLN A 840 -1.72 -9.11 31.98
N ASN A 841 -2.10 -9.70 30.85
CA ASN A 841 -2.66 -11.06 30.86
C ASN A 841 -1.79 -12.16 30.26
N LEU A 842 -0.77 -11.78 29.49
CA LEU A 842 0.07 -12.80 28.82
C LEU A 842 1.44 -12.85 29.45
N THR A 843 1.84 -14.06 29.87
CA THR A 843 3.14 -14.30 30.46
CA THR A 843 3.18 -14.28 30.39
C THR A 843 3.82 -15.48 29.74
N PHE A 844 5.09 -15.34 29.39
CA PHE A 844 5.85 -16.48 28.90
C PHE A 844 6.30 -17.37 30.06
N LEU A 845 6.21 -18.68 29.86
CA LEU A 845 6.58 -19.67 30.86
C LEU A 845 7.94 -20.27 30.51
N GLU A 846 8.75 -20.58 31.53
CA GLU A 846 10.03 -21.24 31.29
C GLU A 846 9.79 -22.57 30.59
N SER A 847 10.51 -22.81 29.50
CA SER A 847 10.34 -24.04 28.74
C SER A 847 11.70 -24.48 28.13
N PRO A 848 11.78 -25.71 27.61
CA PRO A 848 13.05 -26.20 27.08
C PRO A 848 13.58 -25.41 25.88
N THR A 849 14.87 -25.59 25.61
CA THR A 849 15.51 -24.95 24.47
C THR A 849 14.71 -25.09 23.18
N ASN A 850 14.59 -23.97 22.47
CA ASN A 850 13.91 -23.92 21.19
C ASN A 850 12.44 -24.31 21.29
N THR A 851 11.78 -23.87 22.36
CA THR A 851 10.32 -24.00 22.46
C THR A 851 9.81 -22.67 22.98
N VAL A 852 8.53 -22.38 22.72
CA VAL A 852 7.88 -21.15 23.20
C VAL A 852 6.60 -21.58 23.90
N ALA A 853 6.46 -21.15 25.16
CA ALA A 853 5.27 -21.46 25.97
C ALA A 853 4.76 -20.22 26.64
N PHE A 854 3.45 -20.01 26.60
CA PHE A 854 2.85 -18.84 27.27
C PHE A 854 1.52 -19.14 27.90
N GLU A 855 1.11 -18.25 28.81
CA GLU A 855 -0.15 -18.39 29.51
C GLU A 855 -0.96 -17.11 29.36
N LEU A 856 -2.25 -17.29 29.06
CA LEU A 856 -3.22 -16.20 28.93
C LEU A 856 -4.05 -16.30 30.19
N LYS A 857 -3.91 -15.32 31.09
CA LYS A 857 -4.48 -15.41 32.43
C LYS A 857 -5.70 -14.52 32.62
N ASN A 858 -6.42 -14.77 33.70
CA ASN A 858 -7.39 -13.81 34.24
C ASN A 858 -8.66 -13.73 33.38
N TYR A 859 -9.09 -14.84 32.77
CA TYR A 859 -10.22 -14.81 31.80
C TYR A 859 -9.99 -13.70 30.78
N ALA A 860 -8.83 -13.71 30.13
CA ALA A 860 -8.35 -12.58 29.34
C ALA A 860 -9.37 -12.13 28.29
N ASN A 861 -9.67 -10.83 28.27
CA ASN A 861 -10.62 -10.29 27.25
C ASN A 861 -11.98 -11.01 27.25
N HIS A 862 -12.48 -11.33 28.46
CA HIS A 862 -13.78 -11.99 28.64
C HIS A 862 -13.84 -13.42 28.08
N ASP A 863 -12.71 -14.11 28.12
CA ASP A 863 -12.71 -15.55 27.82
C ASP A 863 -13.45 -16.34 28.88
N THR A 864 -14.07 -17.46 28.48
CA THR A 864 -14.72 -18.35 29.43
C THR A 864 -13.73 -19.34 30.08
N TRP A 865 -12.49 -19.32 29.61
CA TRP A 865 -11.44 -20.12 30.27
C TRP A 865 -10.54 -19.21 31.11
N LYS A 866 -10.36 -19.54 32.39
CA LYS A 866 -9.57 -18.69 33.30
C LYS A 866 -8.11 -18.53 32.84
N ASN A 867 -7.44 -19.66 32.64
CA ASN A 867 -6.06 -19.68 32.20
C ASN A 867 -5.96 -20.58 30.97
N ILE A 868 -5.26 -20.10 29.95
CA ILE A 868 -4.95 -20.91 28.78
C ILE A 868 -3.44 -21.00 28.62
N ILE A 869 -2.93 -22.22 28.44
CA ILE A 869 -1.51 -22.38 28.13
C ILE A 869 -1.33 -22.87 26.70
N VAL A 870 -0.42 -22.24 25.96
CA VAL A 870 -0.07 -22.71 24.62
C VAL A 870 1.45 -22.96 24.61
N MET A 871 1.88 -24.08 24.02
CA MET A 871 3.32 -24.32 23.80
C MET A 871 3.59 -24.85 22.40
N TYR A 872 4.51 -24.20 21.69
CA TYR A 872 4.95 -24.65 20.38
C TYR A 872 6.21 -25.47 20.55
N ASN A 873 6.19 -26.70 20.07
CA ASN A 873 7.39 -27.58 20.06
C ASN A 873 7.79 -27.97 18.64
N PRO A 874 8.72 -27.22 18.03
CA PRO A 874 9.17 -27.52 16.66
C PRO A 874 10.19 -28.65 16.57
N ASN A 875 10.66 -29.12 17.72
CA ASN A 875 11.74 -30.11 17.76
C ASN A 875 11.28 -31.51 17.42
N LYS A 876 12.24 -32.34 16.99
CA LYS A 876 11.92 -33.70 16.57
C LYS A 876 11.75 -34.70 17.71
N THR A 877 11.94 -34.26 18.95
CA THR A 877 11.63 -35.09 20.10
C THR A 877 10.60 -34.41 20.96
N SER A 878 9.89 -35.20 21.77
CA SER A 878 8.93 -34.65 22.72
C SER A 878 9.66 -33.81 23.75
N GLN A 879 8.95 -32.83 24.31
CA GLN A 879 9.52 -31.91 25.27
C GLN A 879 8.55 -31.75 26.41
N THR A 880 9.08 -31.48 27.61
CA THR A 880 8.21 -31.38 28.78
C THR A 880 8.09 -29.94 29.26
N LEU A 881 6.92 -29.64 29.82
CA LEU A 881 6.63 -28.31 30.35
C LEU A 881 6.22 -28.41 31.81
N ASN A 882 6.87 -27.63 32.67
CA ASN A 882 6.45 -27.49 34.06
C ASN A 882 5.24 -26.59 34.14
N LEU A 883 4.23 -27.03 34.89
CA LEU A 883 2.97 -26.30 34.91
C LEU A 883 2.79 -25.47 36.20
N PRO A 884 2.07 -24.33 36.09
CA PRO A 884 1.62 -23.66 37.32
C PRO A 884 0.69 -24.57 38.12
N SER A 885 0.40 -24.17 39.36
CA SER A 885 -0.40 -24.98 40.27
C SER A 885 -1.79 -25.34 39.72
N GLY A 886 -2.35 -26.43 40.23
CA GLY A 886 -3.72 -26.78 39.94
C GLY A 886 -3.90 -27.82 38.85
N ASP A 887 -5.15 -28.17 38.63
CA ASP A 887 -5.54 -29.14 37.61
C ASP A 887 -5.60 -28.47 36.24
N TRP A 888 -4.95 -29.08 35.26
CA TRP A 888 -4.99 -28.62 33.87
C TRP A 888 -5.72 -29.60 32.95
N THR A 889 -6.60 -29.06 32.12
CA THR A 889 -7.33 -29.83 31.13
C THR A 889 -6.60 -29.72 29.79
N ILE A 890 -6.21 -30.84 29.19
CA ILE A 890 -5.59 -30.84 27.86
C ILE A 890 -6.71 -30.68 26.83
N VAL A 891 -6.60 -29.65 25.98
CA VAL A 891 -7.58 -29.46 24.90
C VAL A 891 -6.95 -29.51 23.50
N GLY A 892 -5.62 -29.39 23.43
CA GLY A 892 -4.89 -29.52 22.16
C GLY A 892 -3.65 -30.36 22.41
N LEU A 893 -3.60 -31.51 21.75
CA LEU A 893 -2.47 -32.43 21.91
C LEU A 893 -2.27 -33.20 20.62
N GLY A 894 -1.07 -33.10 20.03
CA GLY A 894 -0.80 -33.76 18.75
C GLY A 894 -1.78 -33.31 17.68
N ASP A 895 -2.43 -34.26 17.02
CA ASP A 895 -3.35 -33.92 15.94
C ASP A 895 -4.77 -33.57 16.39
N GLN A 896 -5.00 -33.50 17.71
CA GLN A 896 -6.36 -33.22 18.21
C GLN A 896 -6.45 -31.86 18.87
N ILE A 897 -7.29 -30.95 18.32
CA ILE A 897 -7.46 -29.62 18.88
C ILE A 897 -8.97 -29.38 19.03
N GLY A 898 -9.41 -28.86 20.17
CA GLY A 898 -10.84 -28.63 20.32
C GLY A 898 -11.22 -28.03 21.65
N GLU A 899 -12.52 -28.11 21.96
CA GLU A 899 -13.06 -27.58 23.20
C GLU A 899 -13.18 -28.60 24.33
N LYS A 900 -12.97 -29.87 24.00
CA LYS A 900 -13.28 -30.99 24.91
C LYS A 900 -12.03 -31.48 25.63
N SER A 901 -12.21 -32.00 26.83
CA SER A 901 -11.10 -32.59 27.58
C SER A 901 -10.49 -33.79 26.87
N LEU A 902 -9.17 -33.77 26.73
CA LEU A 902 -8.40 -34.91 26.22
C LEU A 902 -7.65 -35.60 27.35
N GLY A 903 -7.94 -35.18 28.57
CA GLY A 903 -7.25 -35.72 29.74
C GLY A 903 -6.88 -34.58 30.66
N HIS A 904 -6.65 -34.91 31.93
CA HIS A 904 -6.23 -33.93 32.94
C HIS A 904 -4.82 -34.24 33.42
N VAL A 905 -4.05 -33.20 33.71
CA VAL A 905 -2.70 -33.36 34.25
C VAL A 905 -2.41 -32.29 35.31
N MET A 906 -1.47 -32.58 36.20
CA MET A 906 -0.89 -31.58 37.10
C MET A 906 0.63 -31.65 37.06
N GLY A 907 1.27 -30.51 37.32
CA GLY A 907 2.73 -30.45 37.55
C GLY A 907 3.61 -30.35 36.33
N ASN A 908 3.45 -31.29 35.42
CA ASN A 908 4.30 -31.40 34.25
C ASN A 908 3.49 -32.05 33.13
N VAL A 909 3.82 -31.73 31.89
CA VAL A 909 3.13 -32.33 30.74
C VAL A 909 4.09 -32.50 29.57
N GLN A 910 3.89 -33.57 28.80
CA GLN A 910 4.74 -33.85 27.64
C GLN A 910 4.08 -33.33 26.36
N VAL A 911 4.85 -32.63 25.54
CA VAL A 911 4.36 -32.10 24.29
C VAL A 911 4.99 -32.89 23.15
N PRO A 912 4.17 -33.59 22.34
CA PRO A 912 4.77 -34.38 21.23
C PRO A 912 5.63 -33.57 20.26
N ALA A 913 6.53 -34.27 19.58
CA ALA A 913 7.40 -33.70 18.56
C ALA A 913 6.59 -32.92 17.51
N ILE A 914 7.16 -31.81 17.04
CA ILE A 914 6.58 -30.94 15.99
C ILE A 914 5.06 -30.74 16.18
N SER A 915 4.69 -30.13 17.31
CA SER A 915 3.28 -29.93 17.59
C SER A 915 3.04 -28.74 18.51
N THR A 916 1.76 -28.45 18.70
CA THR A 916 1.33 -27.38 19.61
C THR A 916 0.48 -28.00 20.71
N LEU A 917 0.82 -27.67 21.95
CA LEU A 917 0.06 -28.11 23.13
C LEU A 917 -0.85 -26.96 23.54
N ILE A 918 -2.12 -27.27 23.86
CA ILE A 918 -3.01 -26.29 24.46
C ILE A 918 -3.67 -26.90 25.69
N LEU A 919 -3.58 -26.16 26.80
CA LEU A 919 -4.22 -26.56 28.06
C LEU A 919 -5.08 -25.44 28.55
N LYS A 920 -6.04 -25.77 29.41
CA LYS A 920 -6.82 -24.73 30.09
C LYS A 920 -7.17 -25.13 31.51
N GLN A 921 -7.49 -24.11 32.30
CA GLN A 921 -7.89 -24.29 33.68
C GLN A 921 -9.07 -23.37 33.88
C1 GOL B . 6.89 -17.79 3.37
O1 GOL B . 7.42 -17.13 4.48
C2 GOL B . 7.89 -17.79 2.23
O2 GOL B . 8.12 -16.45 1.82
C3 GOL B . 7.31 -18.69 1.15
O3 GOL B . 8.03 -18.53 -0.04
C1 GOL C . 7.22 15.70 -7.00
O1 GOL C . 7.49 16.90 -6.29
C2 GOL C . 5.71 15.59 -7.24
O2 GOL C . 5.02 15.59 -6.00
C3 GOL C . 5.40 14.30 -7.98
O3 GOL C . 5.84 14.33 -9.32
C1 GOL D . 0.85 -30.32 13.98
O1 GOL D . 2.08 -29.65 14.22
C2 GOL D . 0.57 -31.54 14.86
O2 GOL D . 1.74 -32.27 15.16
C3 GOL D . -0.44 -32.46 14.17
O3 GOL D . -0.01 -33.81 14.10
C1 GOL E . 11.32 -38.53 22.42
O1 GOL E . 10.46 -39.14 23.35
C2 GOL E . 10.83 -38.86 21.02
O2 GOL E . 10.53 -40.24 20.98
C3 GOL E . 9.54 -38.11 20.76
O3 GOL E . 9.12 -38.30 19.43
C1 GOL F . -3.34 -22.16 -18.39
O1 GOL F . -4.32 -21.71 -17.50
C2 GOL F . -3.51 -23.66 -18.56
O2 GOL F . -3.01 -24.07 -19.82
C3 GOL F . -2.69 -24.32 -17.49
O3 GOL F . -3.57 -25.07 -16.71
C1 GOL G . -30.81 -11.77 3.83
O1 GOL G . -31.92 -11.48 4.65
C2 GOL G . -30.56 -10.63 2.86
O2 GOL G . -31.62 -10.53 1.94
C3 GOL G . -29.26 -10.90 2.11
O3 GOL G . -29.00 -9.89 1.16
C1 GOL H . -14.32 -32.73 32.17
O1 GOL H . -13.12 -33.46 32.30
C2 GOL H . -14.15 -31.71 31.05
O2 GOL H . -14.14 -30.42 31.60
C3 GOL H . -15.27 -31.84 30.02
O3 GOL H . -14.76 -31.61 28.73
C1 GOL I . -14.94 -31.08 27.97
O1 GOL I . -15.12 -32.48 27.94
C2 GOL I . -14.47 -30.65 29.35
O2 GOL I . -15.54 -29.96 29.97
C3 GOL I . -13.22 -29.77 29.26
O3 GOL I . -13.33 -28.69 28.35
S SO4 J . -16.11 -12.59 20.69
O1 SO4 J . -16.97 -12.07 21.73
O2 SO4 J . -16.89 -12.85 19.46
O3 SO4 J . -15.53 -13.88 21.14
O4 SO4 J . -15.07 -11.58 20.37
S SO4 K . -32.61 6.35 -26.22
O1 SO4 K . -33.44 6.77 -25.08
O2 SO4 K . -32.34 7.54 -27.04
O3 SO4 K . -33.32 5.34 -26.99
O4 SO4 K . -31.35 5.84 -25.69
S SO4 L . -9.62 -7.98 30.68
O1 SO4 L . -11.00 -8.35 30.37
O2 SO4 L . -9.37 -6.61 30.20
O3 SO4 L . -8.70 -8.92 30.06
O4 SO4 L . -9.39 -8.00 32.13
S SO4 M . 15.95 -20.70 23.46
O1 SO4 M . 14.81 -21.57 23.75
O2 SO4 M . 16.48 -21.00 22.14
O3 SO4 M . 15.52 -19.30 23.51
O4 SO4 M . 16.98 -20.91 24.48
C ACT N . 8.74 -10.75 24.86
O ACT N . 8.72 -10.44 23.64
OXT ACT N . 7.78 -10.38 25.58
CH3 ACT N . 9.86 -11.52 25.46
C ACT O . 1.39 11.21 1.49
O ACT O . 0.37 10.74 2.06
OXT ACT O . 2.37 11.53 2.21
CH3 ACT O . 1.47 11.39 0.02
C ACT P . -13.49 4.85 -29.96
O ACT P . -13.88 3.87 -29.29
OXT ACT P . -12.77 5.70 -29.38
CH3 ACT P . -13.86 5.05 -31.41
C ACT Q . 4.43 2.84 21.07
O ACT Q . 3.95 1.87 20.43
OXT ACT Q . 4.93 3.75 20.37
CH3 ACT Q . 4.42 2.89 22.56
#